data_1XVP
#
_entry.id   1XVP
#
_cell.length_a   128.020
_cell.length_b   128.020
_cell.length_c   212.175
_cell.angle_alpha   90.00
_cell.angle_beta   90.00
_cell.angle_gamma   120.00
#
_symmetry.space_group_name_H-M   'P 32 2 1'
#
loop_
_entity.id
_entity.type
_entity.pdbx_description
1 polymer 'Retinoic acid receptor RXR-alpha'
2 polymer 'Orphan nuclear receptor NR1I3'
3 polymer 'nuclear receptor coactivator 1 isoform 1'
4 non-polymer 'PENTADECANOIC ACID'
5 non-polymer '6-(4-CHLOROPHENYL)IMIDAZO[2,1-B][1,3]THIAZOLE-5-CARBALDEHYDE O-(3,4-DICHLOROBENZYL)OXIME'
6 water water
#
loop_
_entity_poly.entity_id
_entity_poly.type
_entity_poly.pdbx_seq_one_letter_code
_entity_poly.pdbx_strand_id
1 'polypeptide(L)'
;NEDMPVERILEAELAVEPKTETYVEANMGLNPSSPNDPVTNICQAADKQLFTLVEWAKRIPHFSELPLDDQVILLRAGWN
ELLIASFSHRSIAVKDGILLATGLHVHRNSAHSAGVGAIFDRVLTELVSKMRDMQMDKTELGCLRAIVLFNPDSKGLSNP
AEVEALREKVYASLEAYCKHKYPEQPGRFAKLLLRLPALRSIGLKCLEHLFFFKLIGDTPIDTFLMEMLEAPHQMT
;
A,C
2 'polypeptide(L)'
;PVQLSKEQEELIRTLLGAHTRHMGTMFEQFVQFRPPAHLFIHHQPLPTLAPVLPLVTHFADINTFMVLQVIKFTKDLPVF
RSLPIEDQISLLKGAAVEICHIVLNTTFCLQTQNFLCGPLRYTIEDGARVGFQVEFLELLFHFHGTLRKLQLQEPEYVLL
AAMALFSPDRPGVTQRDEIDQLQEEMALTLQSYIKGQQRRPRDRFLYAKLLGLLAELRSINEAYGYQIQHIQGLSAMMPL
LQEICS
;
B,D
3 'polypeptide(L)' ERHKILHRLLQEG E,F,G,H
#
# COMPACT_ATOMS: atom_id res chain seq x y z
N ASN A 1 -34.90 -29.23 12.38
CA ASN A 1 -33.70 -29.11 13.26
C ASN A 1 -33.93 -28.20 14.47
N GLU A 2 -33.60 -28.74 15.64
CA GLU A 2 -33.73 -28.02 16.91
C GLU A 2 -32.37 -27.96 17.60
N ASP A 3 -31.41 -28.70 17.06
CA ASP A 3 -30.05 -28.77 17.60
C ASP A 3 -29.31 -27.43 17.59
N MET A 4 -29.68 -26.53 16.68
CA MET A 4 -29.05 -25.22 16.60
C MET A 4 -30.15 -24.19 16.84
N PRO A 5 -30.42 -23.90 18.12
CA PRO A 5 -31.44 -22.95 18.58
C PRO A 5 -31.34 -21.56 17.96
N VAL A 6 -32.27 -21.27 17.08
CA VAL A 6 -32.32 -19.96 16.44
C VAL A 6 -32.47 -18.92 17.56
N GLU A 7 -33.28 -19.24 18.57
CA GLU A 7 -33.52 -18.35 19.70
C GLU A 7 -32.24 -17.98 20.45
N ARG A 8 -31.31 -18.92 20.55
CA ARG A 8 -30.05 -18.67 21.25
C ARG A 8 -29.08 -17.84 20.40
N ILE A 9 -29.34 -17.76 19.10
CA ILE A 9 -28.50 -16.99 18.17
C ILE A 9 -28.95 -15.52 18.10
N LEU A 10 -30.26 -15.32 17.92
CA LEU A 10 -30.80 -13.97 17.89
C LEU A 10 -30.50 -13.31 19.23
N GLU A 11 -30.47 -14.12 20.27
CA GLU A 11 -30.19 -13.69 21.64
C GLU A 11 -28.71 -13.33 21.82
N ALA A 12 -27.85 -14.02 21.08
CA ALA A 12 -26.41 -13.78 21.13
C ALA A 12 -26.09 -12.49 20.37
N GLU A 13 -26.87 -12.20 19.33
CA GLU A 13 -26.68 -10.98 18.57
C GLU A 13 -27.05 -9.83 19.52
N LEU A 14 -28.22 -9.94 20.14
CA LEU A 14 -28.74 -8.94 21.07
C LEU A 14 -27.77 -8.57 22.18
N ALA A 15 -27.04 -9.55 22.68
CA ALA A 15 -26.09 -9.30 23.75
C ALA A 15 -24.97 -8.34 23.35
N VAL A 16 -24.39 -8.58 22.17
CA VAL A 16 -23.30 -7.77 21.63
C VAL A 16 -23.56 -6.26 21.60
N GLU A 17 -24.35 -5.82 20.63
CA GLU A 17 -24.68 -4.41 20.45
C GLU A 17 -24.86 -3.61 21.75
N PRO A 18 -24.28 -2.38 21.82
CA PRO A 18 -24.35 -1.47 22.99
C PRO A 18 -25.79 -1.08 23.33
N LYS A 19 -26.10 -0.94 24.62
CA LYS A 19 -27.44 -0.53 25.02
C LYS A 19 -27.66 0.96 24.74
N THR A 20 -26.58 1.74 24.79
CA THR A 20 -26.60 3.19 24.53
C THR A 20 -26.10 3.51 23.12
N GLU A 21 -27.03 3.78 22.21
CA GLU A 21 -26.69 4.07 20.82
C GLU A 21 -26.89 5.50 20.37
N THR A 22 -25.86 6.32 20.53
CA THR A 22 -25.90 7.72 20.13
C THR A 22 -24.93 7.86 18.95
N TYR A 23 -25.24 8.74 18.00
CA TYR A 23 -24.37 8.92 16.83
C TYR A 23 -23.94 10.34 16.53
N VAL A 24 -22.62 10.54 16.39
CA VAL A 24 -22.05 11.85 16.07
C VAL A 24 -21.43 11.74 14.67
N GLU A 25 -21.19 12.88 14.03
CA GLU A 25 -20.58 12.86 12.71
C GLU A 25 -19.07 12.86 12.85
N ALA A 26 -18.37 12.63 11.74
CA ALA A 26 -16.91 12.62 11.75
C ALA A 26 -16.32 13.68 10.80
N ASN A 27 -15.23 14.32 11.22
CA ASN A 27 -14.54 15.34 10.41
C ASN A 27 -14.10 14.72 9.09
N MET A 28 -13.99 15.55 8.05
CA MET A 28 -13.61 15.11 6.71
C MET A 28 -12.40 14.18 6.53
N GLY A 29 -11.63 13.97 7.59
CA GLY A 29 -10.48 13.10 7.48
C GLY A 29 -9.26 13.76 6.86
N LEU A 30 -9.17 15.08 7.00
CA LEU A 30 -8.05 15.83 6.47
C LEU A 30 -6.90 15.84 7.48
N ASN A 31 -7.22 15.61 8.76
CA ASN A 31 -6.24 15.61 9.85
C ASN A 31 -6.36 14.44 10.85
N PRO A 32 -5.26 13.68 11.02
CA PRO A 32 -5.17 12.52 11.92
C PRO A 32 -5.24 12.84 13.44
N SER A 33 -5.17 14.12 13.79
CA SER A 33 -5.22 14.56 15.19
C SER A 33 -6.64 14.61 15.76
N SER A 34 -7.54 15.29 15.05
CA SER A 34 -8.93 15.46 15.47
C SER A 34 -9.56 14.18 16.02
N PRO A 35 -10.56 14.33 16.90
CA PRO A 35 -11.23 13.17 17.48
C PRO A 35 -11.77 12.30 16.34
N ASN A 36 -12.17 12.98 15.26
CA ASN A 36 -12.71 12.34 14.07
C ASN A 36 -11.78 12.38 12.86
N ASP A 37 -11.12 11.26 12.61
CA ASP A 37 -10.25 11.09 11.46
C ASP A 37 -10.65 9.75 10.88
N PRO A 38 -11.66 9.74 9.99
CA PRO A 38 -12.17 8.54 9.34
C PRO A 38 -11.39 7.24 9.58
N VAL A 39 -10.32 7.01 8.82
CA VAL A 39 -9.52 5.80 8.98
C VAL A 39 -9.20 5.50 10.43
N THR A 40 -8.51 6.43 11.08
CA THR A 40 -8.16 6.26 12.48
C THR A 40 -9.37 5.75 13.24
N ASN A 41 -10.50 6.43 13.07
CA ASN A 41 -11.77 6.12 13.73
C ASN A 41 -12.30 4.69 13.53
N ILE A 42 -12.06 4.11 12.35
CA ILE A 42 -12.50 2.75 12.06
C ILE A 42 -11.68 1.76 12.85
N CYS A 43 -10.39 2.04 12.97
CA CYS A 43 -9.46 1.18 13.69
C CYS A 43 -9.77 1.11 15.18
N GLN A 44 -10.17 2.25 15.77
CA GLN A 44 -10.52 2.28 17.19
C GLN A 44 -11.79 1.41 17.36
N ALA A 45 -12.67 1.47 16.36
CA ALA A 45 -13.91 0.72 16.36
C ALA A 45 -13.67 -0.78 16.28
N ALA A 46 -12.98 -1.22 15.24
CA ALA A 46 -12.68 -2.64 15.04
C ALA A 46 -11.96 -3.28 16.22
N ASP A 47 -11.14 -2.51 16.93
CA ASP A 47 -10.43 -3.05 18.09
C ASP A 47 -11.44 -3.37 19.18
N LYS A 48 -12.33 -2.41 19.45
CA LYS A 48 -13.39 -2.54 20.45
C LYS A 48 -14.28 -3.74 20.12
N GLN A 49 -14.76 -3.76 18.87
CA GLN A 49 -15.62 -4.82 18.40
C GLN A 49 -14.92 -6.16 18.29
N LEU A 50 -13.60 -6.15 18.46
CA LEU A 50 -12.87 -7.39 18.41
C LEU A 50 -13.24 -8.13 19.70
N PHE A 51 -13.05 -7.46 20.82
CA PHE A 51 -13.36 -8.05 22.11
C PHE A 51 -14.77 -8.60 22.14
N THR A 52 -15.76 -7.74 21.86
CA THR A 52 -17.15 -8.18 21.90
C THR A 52 -17.47 -9.29 20.91
N LEU A 53 -16.71 -9.38 19.81
CA LEU A 53 -16.94 -10.44 18.83
C LEU A 53 -16.67 -11.79 19.48
N VAL A 54 -15.67 -11.82 20.37
CA VAL A 54 -15.28 -13.01 21.11
C VAL A 54 -16.49 -13.52 21.89
N GLU A 55 -17.10 -12.63 22.67
CA GLU A 55 -18.27 -12.97 23.47
C GLU A 55 -19.46 -13.32 22.58
N TRP A 56 -19.51 -12.76 21.38
CA TRP A 56 -20.58 -13.10 20.45
C TRP A 56 -20.32 -14.54 20.02
N ALA A 57 -19.05 -14.87 19.86
CA ALA A 57 -18.67 -16.22 19.46
C ALA A 57 -19.22 -17.19 20.51
N LYS A 58 -18.73 -17.04 21.75
CA LYS A 58 -19.13 -17.86 22.89
C LYS A 58 -20.62 -18.22 22.87
N ARG A 59 -21.44 -17.19 23.00
CA ARG A 59 -22.89 -17.31 23.00
C ARG A 59 -23.47 -18.10 21.83
N ILE A 60 -22.63 -18.48 20.88
CA ILE A 60 -23.06 -19.29 19.74
C ILE A 60 -22.98 -20.78 20.13
N PRO A 61 -24.06 -21.53 19.85
CA PRO A 61 -24.21 -22.95 20.14
C PRO A 61 -23.05 -23.88 19.74
N HIS A 62 -22.50 -24.57 20.74
CA HIS A 62 -21.41 -25.51 20.55
C HIS A 62 -20.05 -24.93 20.27
N PHE A 63 -19.93 -23.61 20.24
CA PHE A 63 -18.64 -23.01 19.97
C PHE A 63 -17.71 -23.21 21.16
N SER A 64 -18.23 -23.09 22.37
CA SER A 64 -17.40 -23.29 23.56
C SER A 64 -17.09 -24.77 23.77
N GLU A 65 -17.90 -25.65 23.16
CA GLU A 65 -17.74 -27.10 23.23
C GLU A 65 -16.75 -27.61 22.19
N LEU A 66 -15.79 -26.75 21.83
CA LEU A 66 -14.74 -27.05 20.85
C LEU A 66 -13.38 -26.89 21.53
N PRO A 67 -12.31 -27.37 20.89
CA PRO A 67 -10.96 -27.28 21.43
C PRO A 67 -10.52 -25.82 21.47
N LEU A 68 -9.59 -25.50 22.36
CA LEU A 68 -9.10 -24.12 22.47
C LEU A 68 -8.58 -23.63 21.12
N ASP A 69 -7.85 -24.50 20.44
CA ASP A 69 -7.25 -24.16 19.15
C ASP A 69 -8.16 -24.17 17.93
N ASP A 70 -9.37 -24.69 18.06
CA ASP A 70 -10.29 -24.66 16.93
C ASP A 70 -11.06 -23.34 17.00
N GLN A 71 -11.11 -22.77 18.20
CA GLN A 71 -11.77 -21.51 18.44
C GLN A 71 -10.91 -20.37 17.88
N VAL A 72 -9.65 -20.30 18.32
CA VAL A 72 -8.73 -19.25 17.85
C VAL A 72 -8.64 -19.24 16.33
N ILE A 73 -8.51 -20.42 15.74
CA ILE A 73 -8.41 -20.57 14.30
C ILE A 73 -9.57 -19.88 13.62
N LEU A 74 -10.78 -20.34 13.92
CA LEU A 74 -12.02 -19.81 13.34
C LEU A 74 -12.20 -18.30 13.46
N LEU A 75 -11.62 -17.73 14.52
CA LEU A 75 -11.71 -16.28 14.72
C LEU A 75 -10.71 -15.59 13.79
N ARG A 76 -9.49 -16.12 13.72
CA ARG A 76 -8.45 -15.57 12.86
C ARG A 76 -8.94 -15.55 11.40
N ALA A 77 -9.68 -16.57 11.00
CA ALA A 77 -10.22 -16.66 9.64
C ALA A 77 -11.68 -16.21 9.53
N GLY A 78 -12.07 -15.24 10.35
CA GLY A 78 -13.45 -14.78 10.30
C GLY A 78 -13.73 -13.41 10.90
N TRP A 79 -12.94 -13.01 11.88
CA TRP A 79 -13.13 -11.72 12.54
C TRP A 79 -13.30 -10.58 11.52
N ASN A 80 -12.60 -10.70 10.41
CA ASN A 80 -12.63 -9.72 9.36
C ASN A 80 -14.05 -9.60 8.82
N GLU A 81 -14.48 -10.58 8.04
CA GLU A 81 -15.81 -10.58 7.47
C GLU A 81 -16.93 -10.62 8.52
N LEU A 82 -16.59 -10.99 9.75
CA LEU A 82 -17.59 -11.05 10.80
C LEU A 82 -17.90 -9.64 11.29
N LEU A 83 -16.87 -8.86 11.57
CA LEU A 83 -17.06 -7.49 12.02
C LEU A 83 -17.63 -6.61 10.91
N ILE A 84 -17.32 -6.97 9.67
CA ILE A 84 -17.81 -6.25 8.50
C ILE A 84 -19.31 -6.46 8.33
N ALA A 85 -19.78 -7.68 8.54
CA ALA A 85 -21.22 -7.98 8.42
C ALA A 85 -22.01 -7.27 9.53
N SER A 86 -21.35 -7.08 10.67
CA SER A 86 -21.95 -6.42 11.83
C SER A 86 -22.37 -4.98 11.47
N PHE A 87 -21.39 -4.13 11.16
CA PHE A 87 -21.66 -2.73 10.80
C PHE A 87 -22.38 -2.60 9.45
N SER A 88 -22.24 -3.61 8.59
CA SER A 88 -22.89 -3.60 7.29
C SER A 88 -24.40 -3.59 7.55
N HIS A 89 -24.83 -4.44 8.47
CA HIS A 89 -26.24 -4.59 8.83
C HIS A 89 -26.77 -3.38 9.62
N ARG A 90 -26.03 -3.03 10.66
CA ARG A 90 -26.36 -1.92 11.52
C ARG A 90 -26.63 -0.63 10.74
N SER A 91 -25.86 -0.42 9.67
CA SER A 91 -25.97 0.78 8.83
C SER A 91 -27.09 0.79 7.81
N ILE A 92 -28.05 -0.13 7.94
CA ILE A 92 -29.18 -0.16 7.03
C ILE A 92 -30.17 0.92 7.46
N ALA A 93 -29.99 1.38 8.70
CA ALA A 93 -30.79 2.43 9.32
C ALA A 93 -30.61 3.79 8.63
N VAL A 94 -29.51 3.96 7.89
CA VAL A 94 -29.21 5.22 7.22
C VAL A 94 -28.78 5.03 5.78
N LYS A 95 -29.00 6.06 4.96
CA LYS A 95 -28.61 6.03 3.54
C LYS A 95 -27.26 6.73 3.39
N ASP A 96 -26.50 6.29 2.39
CA ASP A 96 -25.17 6.85 2.10
C ASP A 96 -24.26 7.06 3.31
N GLY A 97 -24.20 6.10 4.23
CA GLY A 97 -23.35 6.27 5.39
C GLY A 97 -23.11 4.99 6.17
N ILE A 98 -22.18 5.07 7.12
CA ILE A 98 -21.83 3.93 7.96
C ILE A 98 -21.85 4.22 9.44
N LEU A 99 -22.65 3.42 10.14
CA LEU A 99 -22.81 3.55 11.57
C LEU A 99 -21.76 2.69 12.26
N LEU A 100 -20.90 3.35 13.04
CA LEU A 100 -19.84 2.70 13.78
C LEU A 100 -20.17 2.50 15.26
N ALA A 101 -19.80 1.33 15.78
CA ALA A 101 -20.05 0.91 17.16
C ALA A 101 -19.55 1.81 18.30
N THR A 102 -18.72 2.79 17.96
CA THR A 102 -18.20 3.75 18.95
C THR A 102 -19.24 4.85 19.23
N GLY A 103 -20.23 4.94 18.34
CA GLY A 103 -21.27 5.94 18.46
C GLY A 103 -20.88 7.06 17.52
N LEU A 104 -20.54 6.68 16.30
CA LEU A 104 -20.10 7.64 15.31
C LEU A 104 -20.53 7.23 13.90
N HIS A 105 -21.11 8.17 13.18
CA HIS A 105 -21.54 7.92 11.83
C HIS A 105 -20.41 8.36 10.91
N VAL A 106 -20.37 7.77 9.72
CA VAL A 106 -19.35 8.13 8.74
C VAL A 106 -19.99 8.25 7.37
N HIS A 107 -19.98 9.47 6.84
CA HIS A 107 -20.61 9.71 5.54
C HIS A 107 -19.75 9.30 4.35
N ARG A 108 -20.43 8.91 3.27
CA ARG A 108 -19.80 8.52 2.01
C ARG A 108 -18.73 9.55 1.56
N ASN A 109 -18.95 10.82 1.89
CA ASN A 109 -18.05 11.90 1.55
C ASN A 109 -16.77 11.89 2.38
N SER A 110 -16.87 11.54 3.66
CA SER A 110 -15.69 11.47 4.51
C SER A 110 -14.82 10.32 3.99
N ALA A 111 -15.46 9.32 3.39
CA ALA A 111 -14.78 8.17 2.83
C ALA A 111 -13.90 8.60 1.68
N HIS A 112 -14.52 8.92 0.55
CA HIS A 112 -13.80 9.35 -0.64
C HIS A 112 -12.69 10.32 -0.31
N SER A 113 -13.00 11.34 0.48
CA SER A 113 -12.02 12.34 0.87
C SER A 113 -11.01 11.84 1.91
N ALA A 114 -10.93 10.52 2.09
CA ALA A 114 -9.98 9.90 3.00
C ALA A 114 -9.21 8.81 2.23
N GLY A 115 -9.57 8.64 0.95
CA GLY A 115 -8.90 7.69 0.10
C GLY A 115 -9.63 6.38 -0.10
N VAL A 116 -10.44 6.02 0.88
CA VAL A 116 -11.19 4.77 0.87
C VAL A 116 -12.60 4.78 0.29
N GLY A 117 -12.84 5.58 -0.74
CA GLY A 117 -14.16 5.61 -1.33
C GLY A 117 -14.45 4.34 -2.11
N ALA A 118 -13.44 3.76 -2.74
CA ALA A 118 -13.64 2.55 -3.53
C ALA A 118 -14.35 1.46 -2.74
N ILE A 119 -13.75 1.07 -1.61
CA ILE A 119 -14.28 0.02 -0.74
C ILE A 119 -15.53 0.43 0.05
N PHE A 120 -15.55 1.68 0.51
CA PHE A 120 -16.72 2.18 1.24
C PHE A 120 -17.91 2.01 0.30
N ASP A 121 -17.79 2.49 -0.92
CA ASP A 121 -18.85 2.37 -1.91
C ASP A 121 -19.25 0.89 -2.06
N ARG A 122 -18.26 0.02 -2.21
CA ARG A 122 -18.50 -1.42 -2.38
C ARG A 122 -19.29 -2.05 -1.24
N VAL A 123 -19.02 -1.62 0.00
CA VAL A 123 -19.77 -2.18 1.13
C VAL A 123 -21.24 -1.74 1.08
N LEU A 124 -21.49 -0.47 0.80
CA LEU A 124 -22.88 -0.01 0.73
C LEU A 124 -23.63 -0.69 -0.41
N THR A 125 -22.97 -0.91 -1.54
CA THR A 125 -23.64 -1.51 -2.67
C THR A 125 -23.85 -3.02 -2.59
N GLU A 126 -22.85 -3.72 -2.09
CA GLU A 126 -22.90 -5.17 -1.98
C GLU A 126 -23.44 -5.70 -0.66
N LEU A 127 -23.35 -4.87 0.39
CA LEU A 127 -23.82 -5.25 1.71
C LEU A 127 -24.98 -4.41 2.25
N VAL A 128 -24.68 -3.20 2.72
CA VAL A 128 -25.73 -2.34 3.26
C VAL A 128 -26.96 -2.22 2.34
N SER A 129 -26.73 -1.97 1.06
CA SER A 129 -27.80 -1.83 0.08
C SER A 129 -28.61 -3.12 0.00
N LYS A 130 -27.93 -4.24 -0.21
CA LYS A 130 -28.58 -5.55 -0.33
C LYS A 130 -29.40 -6.04 0.87
N MET A 131 -28.81 -6.00 2.06
CA MET A 131 -29.49 -6.43 3.28
C MET A 131 -30.78 -5.62 3.46
N ARG A 132 -30.71 -4.33 3.13
CA ARG A 132 -31.84 -3.42 3.22
C ARG A 132 -32.94 -3.81 2.24
N ASP A 133 -32.61 -3.78 0.95
CA ASP A 133 -33.56 -4.12 -0.11
C ASP A 133 -34.26 -5.45 0.16
N MET A 134 -33.55 -6.37 0.80
CA MET A 134 -34.09 -7.68 1.11
C MET A 134 -34.75 -7.78 2.49
N GLN A 135 -34.62 -6.74 3.30
CA GLN A 135 -35.18 -6.73 4.65
C GLN A 135 -34.76 -8.03 5.33
N MET A 136 -33.47 -8.09 5.64
CA MET A 136 -32.88 -9.24 6.29
C MET A 136 -32.96 -8.93 7.76
N ASP A 137 -33.50 -9.84 8.57
CA ASP A 137 -33.59 -9.53 10.00
C ASP A 137 -32.34 -9.85 10.81
N LYS A 138 -32.39 -9.53 12.10
CA LYS A 138 -31.28 -9.76 13.03
C LYS A 138 -30.98 -11.25 13.24
N THR A 139 -32.00 -12.10 13.22
CA THR A 139 -31.79 -13.54 13.38
C THR A 139 -30.96 -14.01 12.20
N GLU A 140 -31.46 -13.75 11.00
CA GLU A 140 -30.77 -14.13 9.80
C GLU A 140 -29.31 -13.62 9.82
N LEU A 141 -29.07 -12.44 10.37
CA LEU A 141 -27.71 -11.93 10.46
C LEU A 141 -26.85 -12.95 11.22
N GLY A 142 -27.20 -13.17 12.49
CA GLY A 142 -26.46 -14.10 13.32
C GLY A 142 -26.25 -15.47 12.68
N CYS A 143 -27.17 -15.89 11.82
CA CYS A 143 -27.03 -17.19 11.16
C CYS A 143 -25.93 -17.16 10.11
N LEU A 144 -25.69 -15.99 9.52
CA LEU A 144 -24.62 -15.89 8.55
C LEU A 144 -23.36 -15.58 9.35
N ARG A 145 -23.45 -14.70 10.33
CA ARG A 145 -22.30 -14.39 11.17
C ARG A 145 -21.79 -15.68 11.82
N ALA A 146 -22.66 -16.67 11.95
CA ALA A 146 -22.31 -17.95 12.55
C ALA A 146 -21.70 -18.91 11.52
N ILE A 147 -22.33 -18.99 10.34
CA ILE A 147 -21.88 -19.84 9.24
C ILE A 147 -20.43 -19.47 8.85
N VAL A 148 -20.11 -18.18 8.92
CA VAL A 148 -18.78 -17.66 8.62
C VAL A 148 -17.82 -18.10 9.73
N LEU A 149 -18.30 -18.02 10.97
CA LEU A 149 -17.55 -18.43 12.14
C LEU A 149 -17.10 -19.88 11.93
N PHE A 150 -18.08 -20.76 11.76
CA PHE A 150 -17.83 -22.18 11.53
C PHE A 150 -17.46 -22.43 10.07
N ASN A 151 -16.23 -22.07 9.71
CA ASN A 151 -15.71 -22.25 8.36
C ASN A 151 -14.87 -23.53 8.39
N PRO A 152 -15.37 -24.61 7.77
CA PRO A 152 -14.66 -25.88 7.74
C PRO A 152 -13.26 -25.80 7.11
N ASP A 153 -13.18 -25.07 6.00
CA ASP A 153 -11.96 -24.89 5.23
C ASP A 153 -10.81 -24.09 5.87
N SER A 154 -11.01 -23.57 7.08
CA SER A 154 -9.94 -22.85 7.76
C SER A 154 -8.75 -23.81 7.88
N LYS A 155 -7.56 -23.35 7.50
CA LYS A 155 -6.35 -24.17 7.54
C LYS A 155 -5.77 -24.35 8.93
N GLY A 156 -5.42 -25.59 9.25
CA GLY A 156 -4.84 -25.91 10.55
C GLY A 156 -5.87 -26.43 11.53
N LEU A 157 -7.08 -26.67 11.03
CA LEU A 157 -8.18 -27.15 11.85
C LEU A 157 -7.91 -28.58 12.34
N SER A 158 -7.83 -28.76 13.65
CA SER A 158 -7.59 -30.08 14.23
C SER A 158 -8.71 -31.05 13.86
N ASN A 159 -9.93 -30.54 13.77
CA ASN A 159 -11.06 -31.36 13.40
C ASN A 159 -11.90 -30.62 12.38
N PRO A 160 -11.61 -30.85 11.08
CA PRO A 160 -12.26 -30.27 9.89
C PRO A 160 -13.76 -30.62 9.74
N ALA A 161 -14.08 -31.91 9.74
CA ALA A 161 -15.47 -32.33 9.60
C ALA A 161 -16.32 -31.96 10.82
N GLU A 162 -15.66 -31.59 11.92
CA GLU A 162 -16.35 -31.19 13.14
C GLU A 162 -16.97 -29.81 12.93
N VAL A 163 -16.15 -28.87 12.48
CA VAL A 163 -16.59 -27.51 12.20
C VAL A 163 -17.54 -27.51 11.00
N GLU A 164 -17.37 -28.47 10.09
CA GLU A 164 -18.23 -28.58 8.92
C GLU A 164 -19.61 -29.14 9.30
N ALA A 165 -19.68 -29.78 10.46
CA ALA A 165 -20.93 -30.38 10.97
C ALA A 165 -21.86 -29.35 11.58
N LEU A 166 -21.27 -28.37 12.26
CA LEU A 166 -22.03 -27.29 12.89
C LEU A 166 -22.57 -26.36 11.78
N ARG A 167 -21.74 -26.10 10.77
CA ARG A 167 -22.11 -25.26 9.63
C ARG A 167 -23.17 -25.93 8.75
N GLU A 168 -23.67 -27.08 9.21
CA GLU A 168 -24.72 -27.85 8.55
C GLU A 168 -25.99 -27.67 9.38
N LYS A 169 -25.78 -27.56 10.70
CA LYS A 169 -26.84 -27.37 11.67
C LYS A 169 -27.38 -25.93 11.65
N VAL A 170 -26.55 -24.99 11.20
CA VAL A 170 -26.97 -23.59 11.08
C VAL A 170 -27.71 -23.46 9.75
N TYR A 171 -27.30 -24.28 8.78
CA TYR A 171 -27.94 -24.30 7.47
C TYR A 171 -29.39 -24.77 7.63
N ALA A 172 -29.59 -25.74 8.52
CA ALA A 172 -30.91 -26.28 8.79
C ALA A 172 -31.75 -25.26 9.56
N SER A 173 -31.27 -24.89 10.75
CA SER A 173 -31.94 -23.90 11.62
C SER A 173 -32.37 -22.66 10.86
N LEU A 174 -31.52 -22.20 9.94
CA LEU A 174 -31.77 -21.02 9.14
C LEU A 174 -32.78 -21.22 8.02
N GLU A 175 -32.67 -22.32 7.28
CA GLU A 175 -33.63 -22.56 6.22
C GLU A 175 -35.01 -22.71 6.81
N ALA A 176 -35.07 -23.18 8.05
CA ALA A 176 -36.31 -23.36 8.78
C ALA A 176 -36.95 -21.99 8.93
N TYR A 177 -36.22 -21.09 9.57
CA TYR A 177 -36.67 -19.73 9.79
C TYR A 177 -37.08 -19.02 8.48
N CYS A 178 -36.36 -19.28 7.39
CA CYS A 178 -36.64 -18.66 6.09
C CYS A 178 -37.83 -19.24 5.32
N LYS A 179 -38.28 -20.41 5.73
CA LYS A 179 -39.42 -21.09 5.09
C LYS A 179 -40.59 -21.05 6.08
N HIS A 180 -40.28 -20.68 7.32
CA HIS A 180 -41.23 -20.57 8.41
C HIS A 180 -41.74 -19.12 8.49
N LYS A 181 -40.92 -18.22 9.02
CA LYS A 181 -41.27 -16.81 9.16
C LYS A 181 -41.42 -16.10 7.82
N TYR A 182 -40.67 -16.57 6.81
CA TYR A 182 -40.75 -15.95 5.49
C TYR A 182 -41.13 -16.92 4.38
N PRO A 183 -42.32 -17.54 4.49
CA PRO A 183 -42.83 -18.50 3.51
C PRO A 183 -43.28 -17.91 2.16
N GLU A 184 -43.64 -16.63 2.15
CA GLU A 184 -44.07 -15.96 0.94
C GLU A 184 -43.07 -16.12 -0.21
N GLN A 185 -41.78 -15.83 0.04
CA GLN A 185 -40.75 -15.97 -0.98
C GLN A 185 -39.96 -17.25 -0.70
N PRO A 186 -39.92 -18.13 -1.70
CA PRO A 186 -39.25 -19.45 -1.72
C PRO A 186 -37.75 -19.36 -1.49
N GLY A 187 -37.07 -18.79 -2.47
CA GLY A 187 -35.63 -18.67 -2.40
C GLY A 187 -35.10 -17.65 -1.44
N ARG A 188 -35.86 -17.31 -0.40
CA ARG A 188 -35.35 -16.34 0.54
C ARG A 188 -34.09 -16.87 1.19
N PHE A 189 -34.11 -18.11 1.66
CA PHE A 189 -32.92 -18.69 2.28
C PHE A 189 -31.69 -18.55 1.39
N ALA A 190 -31.85 -18.91 0.12
CA ALA A 190 -30.77 -18.81 -0.87
C ALA A 190 -30.28 -17.37 -1.06
N LYS A 191 -31.21 -16.41 -1.07
CA LYS A 191 -30.85 -14.99 -1.23
C LYS A 191 -29.93 -14.54 -0.10
N LEU A 192 -30.19 -15.03 1.11
CA LEU A 192 -29.39 -14.66 2.28
C LEU A 192 -27.92 -15.12 2.22
N LEU A 193 -27.69 -16.22 1.51
CA LEU A 193 -26.36 -16.78 1.38
C LEU A 193 -25.61 -16.17 0.21
N LEU A 194 -26.37 -15.78 -0.81
CA LEU A 194 -25.81 -15.19 -2.01
C LEU A 194 -24.84 -14.03 -1.76
N ARG A 195 -24.93 -13.43 -0.59
CA ARG A 195 -24.06 -12.30 -0.28
C ARG A 195 -22.71 -12.71 0.31
N LEU A 196 -22.50 -14.01 0.50
CA LEU A 196 -21.25 -14.47 1.07
C LEU A 196 -20.00 -14.32 0.19
N PRO A 197 -20.10 -14.60 -1.13
CA PRO A 197 -18.90 -14.44 -1.96
C PRO A 197 -18.43 -12.98 -1.93
N ALA A 198 -19.40 -12.08 -2.15
CA ALA A 198 -19.17 -10.64 -2.16
C ALA A 198 -18.55 -10.16 -0.86
N LEU A 199 -18.94 -10.76 0.26
CA LEU A 199 -18.38 -10.38 1.57
C LEU A 199 -16.98 -10.97 1.75
N ARG A 200 -16.73 -12.10 1.11
CA ARG A 200 -15.42 -12.72 1.17
C ARG A 200 -14.43 -11.79 0.49
N SER A 201 -14.73 -11.40 -0.76
CA SER A 201 -13.88 -10.49 -1.52
C SER A 201 -13.71 -9.16 -0.79
N ILE A 202 -14.83 -8.64 -0.29
CA ILE A 202 -14.81 -7.37 0.45
C ILE A 202 -13.91 -7.51 1.67
N GLY A 203 -14.02 -8.64 2.36
CA GLY A 203 -13.18 -8.87 3.52
C GLY A 203 -11.71 -8.85 3.15
N LEU A 204 -11.39 -9.45 2.01
CA LEU A 204 -10.01 -9.50 1.52
C LEU A 204 -9.48 -8.13 1.15
N LYS A 205 -10.33 -7.32 0.52
CA LYS A 205 -9.94 -5.98 0.12
C LYS A 205 -9.74 -5.11 1.34
N CYS A 206 -10.48 -5.41 2.41
CA CYS A 206 -10.39 -4.67 3.68
C CYS A 206 -9.12 -4.98 4.45
N LEU A 207 -8.65 -6.22 4.34
CA LEU A 207 -7.41 -6.62 4.99
C LEU A 207 -6.33 -5.74 4.38
N GLU A 208 -6.26 -5.80 3.05
CA GLU A 208 -5.29 -5.02 2.29
C GLU A 208 -5.18 -3.63 2.91
N HIS A 209 -6.29 -2.88 2.89
CA HIS A 209 -6.33 -1.53 3.46
C HIS A 209 -5.68 -1.50 4.84
N LEU A 210 -6.05 -2.46 5.68
CA LEU A 210 -5.50 -2.54 7.02
C LEU A 210 -3.98 -2.73 7.05
N PHE A 211 -3.47 -3.54 6.13
CA PHE A 211 -2.04 -3.78 6.06
C PHE A 211 -1.25 -2.54 5.63
N PHE A 212 -1.82 -1.75 4.71
CA PHE A 212 -1.19 -0.53 4.24
C PHE A 212 -1.02 0.51 5.33
N PHE A 213 -2.08 0.79 6.09
CA PHE A 213 -2.01 1.81 7.15
C PHE A 213 -1.10 1.41 8.29
N LYS A 214 -0.84 0.11 8.39
CA LYS A 214 0.05 -0.41 9.41
C LYS A 214 1.47 -0.16 8.92
N LEU A 215 1.82 -0.89 7.87
CA LEU A 215 3.14 -0.85 7.24
C LEU A 215 3.51 0.37 6.40
N ILE A 216 2.75 1.45 6.54
CA ILE A 216 3.03 2.67 5.79
C ILE A 216 2.41 3.87 6.47
N GLY A 217 1.08 3.89 6.48
CA GLY A 217 0.37 4.99 7.12
C GLY A 217 0.77 5.25 8.57
N ASP A 218 0.38 6.42 9.06
CA ASP A 218 0.67 6.84 10.42
C ASP A 218 -0.52 6.45 11.31
N THR A 219 -1.49 5.75 10.74
CA THR A 219 -2.69 5.32 11.45
C THR A 219 -2.39 4.54 12.72
N PRO A 220 -2.70 5.14 13.88
CA PRO A 220 -2.47 4.52 15.19
C PRO A 220 -3.28 3.24 15.35
N ILE A 221 -2.60 2.11 15.32
CA ILE A 221 -3.27 0.83 15.44
C ILE A 221 -3.13 0.29 16.86
N ASP A 222 -4.18 -0.39 17.30
CA ASP A 222 -4.24 -0.94 18.65
C ASP A 222 -4.03 -2.42 18.79
N THR A 223 -3.75 -2.78 20.04
CA THR A 223 -3.48 -4.13 20.48
C THR A 223 -4.27 -5.26 19.83
N PHE A 224 -5.41 -5.60 20.41
CA PHE A 224 -6.23 -6.71 19.91
C PHE A 224 -6.38 -6.67 18.39
N LEU A 225 -6.67 -5.49 17.86
CA LEU A 225 -6.82 -5.32 16.41
C LEU A 225 -5.59 -5.91 15.72
N MET A 226 -4.44 -5.37 16.12
CA MET A 226 -3.12 -5.77 15.64
C MET A 226 -2.98 -7.30 15.53
N GLU A 227 -3.11 -7.97 16.67
CA GLU A 227 -2.97 -9.43 16.75
C GLU A 227 -3.73 -10.21 15.67
N MET A 228 -4.85 -9.68 15.21
CA MET A 228 -5.64 -10.37 14.21
C MET A 228 -5.11 -10.32 12.76
N LEU A 229 -4.13 -9.46 12.50
CA LEU A 229 -3.55 -9.35 11.15
C LEU A 229 -2.08 -9.81 11.07
N GLU A 230 -1.87 -11.02 10.53
CA GLU A 230 -0.53 -11.61 10.41
C GLU A 230 -0.45 -12.58 9.22
N ALA A 231 -0.49 -12.06 8.01
CA ALA A 231 -0.43 -12.92 6.82
C ALA A 231 -0.12 -12.12 5.55
N PRO A 232 1.12 -12.27 5.02
CA PRO A 232 1.65 -11.62 3.81
C PRO A 232 0.76 -11.63 2.57
N PRO B 1 -36.89 -33.22 -7.94
CA PRO B 1 -37.32 -32.98 -9.33
C PRO B 1 -38.29 -31.81 -9.52
N VAL B 2 -37.74 -30.59 -9.60
CA VAL B 2 -38.53 -29.38 -9.80
C VAL B 2 -38.55 -28.97 -11.28
N GLN B 3 -39.40 -28.00 -11.62
CA GLN B 3 -39.50 -27.55 -13.01
C GLN B 3 -38.32 -26.72 -13.50
N LEU B 4 -38.30 -26.53 -14.81
CA LEU B 4 -37.28 -25.75 -15.49
C LEU B 4 -37.99 -25.15 -16.70
N SER B 5 -38.78 -24.11 -16.46
CA SER B 5 -39.56 -23.41 -17.48
C SER B 5 -38.88 -23.30 -18.83
N LYS B 6 -39.64 -22.82 -19.81
CA LYS B 6 -39.15 -22.66 -21.17
C LYS B 6 -37.80 -21.90 -21.26
N GLU B 7 -37.57 -20.92 -20.39
CA GLU B 7 -36.33 -20.14 -20.40
C GLU B 7 -35.10 -20.79 -19.77
N GLN B 8 -35.28 -21.42 -18.60
CA GLN B 8 -34.16 -22.09 -17.95
C GLN B 8 -33.61 -23.15 -18.90
N GLU B 9 -34.51 -23.75 -19.69
CA GLU B 9 -34.15 -24.78 -20.67
C GLU B 9 -33.20 -24.22 -21.71
N GLU B 10 -33.58 -23.08 -22.28
CA GLU B 10 -32.75 -22.44 -23.30
C GLU B 10 -31.42 -21.97 -22.71
N LEU B 11 -31.48 -21.42 -21.50
CA LEU B 11 -30.28 -20.94 -20.82
C LEU B 11 -29.19 -22.01 -20.79
N ILE B 12 -29.57 -23.20 -20.32
CA ILE B 12 -28.64 -24.32 -20.21
C ILE B 12 -28.20 -24.87 -21.56
N ARG B 13 -28.94 -24.59 -22.63
CA ARG B 13 -28.57 -25.08 -23.95
C ARG B 13 -27.45 -24.26 -24.59
N THR B 14 -27.35 -22.99 -24.21
CA THR B 14 -26.31 -22.10 -24.74
C THR B 14 -25.05 -22.21 -23.87
N LEU B 15 -25.25 -22.46 -22.58
CA LEU B 15 -24.15 -22.63 -21.62
C LEU B 15 -23.24 -23.75 -22.09
N LEU B 16 -23.83 -24.94 -22.23
CA LEU B 16 -23.10 -26.13 -22.67
C LEU B 16 -22.71 -26.04 -24.13
N GLY B 17 -23.44 -25.23 -24.90
CA GLY B 17 -23.15 -25.06 -26.31
C GLY B 17 -21.79 -24.43 -26.52
N ALA B 18 -21.69 -23.14 -26.21
CA ALA B 18 -20.41 -22.45 -26.36
C ALA B 18 -19.37 -23.07 -25.43
N HIS B 19 -19.83 -23.85 -24.45
CA HIS B 19 -18.92 -24.50 -23.52
C HIS B 19 -18.26 -25.75 -24.10
N THR B 20 -19.02 -26.55 -24.83
CA THR B 20 -18.46 -27.75 -25.45
C THR B 20 -17.57 -27.31 -26.59
N ARG B 21 -17.94 -26.19 -27.20
CA ARG B 21 -17.24 -25.60 -28.34
C ARG B 21 -15.88 -24.96 -28.01
N HIS B 22 -15.55 -24.81 -26.73
CA HIS B 22 -14.27 -24.19 -26.36
C HIS B 22 -13.61 -24.76 -25.10
N MET B 23 -14.40 -25.35 -24.22
CA MET B 23 -13.86 -25.89 -22.99
C MET B 23 -14.33 -27.31 -22.74
N GLY B 24 -13.94 -27.85 -21.58
CA GLY B 24 -14.33 -29.20 -21.23
C GLY B 24 -13.65 -30.26 -22.08
N THR B 25 -13.02 -29.83 -23.17
CA THR B 25 -12.31 -30.73 -24.08
C THR B 25 -10.88 -30.23 -24.27
N MET B 26 -10.68 -28.96 -23.99
CA MET B 26 -9.37 -28.32 -24.11
C MET B 26 -8.30 -28.95 -23.23
N PHE B 27 -8.72 -29.64 -22.17
CA PHE B 27 -7.77 -30.27 -21.26
C PHE B 27 -6.89 -31.30 -21.94
N GLU B 28 -7.37 -31.85 -23.06
CA GLU B 28 -6.62 -32.86 -23.80
C GLU B 28 -5.58 -32.24 -24.73
N GLN B 29 -5.75 -30.95 -25.02
CA GLN B 29 -4.84 -30.21 -25.89
C GLN B 29 -3.64 -29.64 -25.14
N PHE B 30 -3.55 -29.95 -23.86
CA PHE B 30 -2.48 -29.49 -22.98
C PHE B 30 -1.13 -30.02 -23.42
N VAL B 31 -1.15 -31.23 -23.97
CA VAL B 31 0.05 -31.87 -24.44
C VAL B 31 0.65 -31.08 -25.61
N GLN B 32 -0.19 -30.41 -26.38
CA GLN B 32 0.27 -29.65 -27.53
C GLN B 32 0.99 -28.36 -27.20
N PHE B 33 1.36 -28.16 -25.94
CA PHE B 33 2.03 -26.93 -25.54
C PHE B 33 3.38 -27.13 -24.89
N ARG B 34 4.16 -28.05 -25.45
CA ARG B 34 5.52 -28.36 -24.97
C ARG B 34 5.56 -28.91 -23.52
N PRO B 35 4.89 -30.04 -23.26
CA PRO B 35 4.88 -30.64 -21.91
C PRO B 35 6.07 -31.52 -21.51
N PRO B 36 6.83 -31.10 -20.48
CA PRO B 36 7.98 -31.90 -20.05
C PRO B 36 7.67 -33.40 -20.06
N ALA B 37 8.63 -34.22 -20.49
CA ALA B 37 8.43 -35.67 -20.58
C ALA B 37 7.91 -36.40 -19.34
N HIS B 38 8.34 -35.98 -18.16
CA HIS B 38 7.91 -36.63 -16.93
C HIS B 38 6.43 -36.44 -16.59
N LEU B 39 5.70 -35.73 -17.46
CA LEU B 39 4.26 -35.51 -17.27
C LEU B 39 3.57 -36.68 -17.95
N PHE B 40 4.29 -37.34 -18.84
CA PHE B 40 3.78 -38.50 -19.54
C PHE B 40 4.12 -39.73 -18.69
N ILE B 41 5.30 -39.70 -18.08
CA ILE B 41 5.83 -40.78 -17.26
C ILE B 41 5.51 -40.61 -15.77
N HIS B 42 4.27 -40.96 -15.43
CA HIS B 42 3.74 -40.81 -14.08
C HIS B 42 4.50 -41.53 -12.99
N HIS B 43 5.24 -42.56 -13.34
CA HIS B 43 5.93 -43.33 -12.32
C HIS B 43 7.28 -42.70 -11.89
N GLN B 44 7.27 -41.39 -11.70
CA GLN B 44 8.45 -40.62 -11.28
C GLN B 44 8.33 -39.11 -11.57
N PRO B 45 8.67 -38.27 -10.57
CA PRO B 45 8.63 -36.80 -10.66
C PRO B 45 9.74 -36.22 -11.53
N LEU B 46 10.15 -35.00 -11.23
CA LEU B 46 11.21 -34.35 -12.00
C LEU B 46 12.50 -34.50 -11.20
N PRO B 47 13.52 -35.15 -11.80
CA PRO B 47 14.81 -35.35 -11.13
C PRO B 47 15.17 -34.07 -10.43
N THR B 48 15.57 -34.19 -9.18
CA THR B 48 15.93 -33.04 -8.36
C THR B 48 16.70 -31.91 -9.05
N LEU B 49 17.65 -32.27 -9.90
CA LEU B 49 18.49 -31.28 -10.58
C LEU B 49 18.14 -30.96 -12.04
N ALA B 50 17.01 -31.45 -12.51
CA ALA B 50 16.57 -31.16 -13.87
C ALA B 50 16.23 -29.68 -13.89
N PRO B 51 16.44 -29.00 -15.03
CA PRO B 51 16.10 -27.59 -15.03
C PRO B 51 14.60 -27.43 -14.82
N VAL B 52 14.21 -26.37 -14.12
CA VAL B 52 12.80 -26.10 -13.83
C VAL B 52 12.11 -25.46 -15.02
N LEU B 53 12.84 -24.55 -15.67
CA LEU B 53 12.39 -23.79 -16.83
C LEU B 53 11.43 -24.51 -17.80
N PRO B 54 11.83 -25.67 -18.34
CA PRO B 54 10.97 -26.40 -19.29
C PRO B 54 9.53 -26.64 -18.81
N LEU B 55 9.40 -26.91 -17.52
CA LEU B 55 8.10 -27.15 -16.88
C LEU B 55 7.30 -25.84 -16.76
N VAL B 56 7.97 -24.83 -16.23
CA VAL B 56 7.39 -23.51 -16.07
C VAL B 56 6.88 -22.93 -17.38
N THR B 57 7.72 -22.99 -18.41
CA THR B 57 7.35 -22.48 -19.73
C THR B 57 6.14 -23.22 -20.28
N HIS B 58 5.96 -24.44 -19.78
CA HIS B 58 4.82 -25.25 -20.18
C HIS B 58 3.63 -24.71 -19.36
N PHE B 59 3.82 -24.53 -18.06
CA PHE B 59 2.76 -24.01 -17.24
C PHE B 59 2.22 -22.79 -17.95
N ALA B 60 3.00 -21.73 -17.92
CA ALA B 60 2.64 -20.48 -18.55
C ALA B 60 1.80 -20.65 -19.81
N ASP B 61 2.34 -21.36 -20.79
CA ASP B 61 1.67 -21.60 -22.08
C ASP B 61 0.27 -22.18 -21.99
N ILE B 62 0.05 -23.12 -21.07
CA ILE B 62 -1.27 -23.75 -20.90
C ILE B 62 -2.18 -22.88 -20.02
N ASN B 63 -1.55 -22.06 -19.20
CA ASN B 63 -2.26 -21.17 -18.33
C ASN B 63 -2.84 -20.07 -19.24
N THR B 64 -1.97 -19.43 -20.01
CA THR B 64 -2.41 -18.39 -20.94
C THR B 64 -3.49 -18.97 -21.86
N PHE B 65 -3.30 -20.23 -22.26
CA PHE B 65 -4.23 -20.94 -23.14
C PHE B 65 -5.64 -21.12 -22.61
N MET B 66 -5.77 -21.67 -21.40
CA MET B 66 -7.09 -21.86 -20.85
C MET B 66 -7.86 -20.55 -20.89
N VAL B 67 -7.21 -19.49 -20.43
CA VAL B 67 -7.82 -18.16 -20.41
C VAL B 67 -8.26 -17.73 -21.80
N LEU B 68 -7.49 -18.11 -22.81
CA LEU B 68 -7.82 -17.80 -24.19
C LEU B 68 -9.10 -18.49 -24.60
N GLN B 69 -9.44 -19.58 -23.91
CA GLN B 69 -10.66 -20.32 -24.20
C GLN B 69 -11.79 -19.94 -23.24
N VAL B 70 -11.44 -19.32 -22.13
CA VAL B 70 -12.44 -18.84 -21.16
C VAL B 70 -13.04 -17.60 -21.83
N ILE B 71 -12.27 -17.03 -22.76
CA ILE B 71 -12.66 -15.87 -23.54
C ILE B 71 -13.44 -16.36 -24.77
N LYS B 72 -12.83 -17.23 -25.56
CA LYS B 72 -13.47 -17.78 -26.76
C LYS B 72 -14.89 -18.25 -26.41
N PHE B 73 -15.02 -18.82 -25.21
CA PHE B 73 -16.27 -19.33 -24.66
C PHE B 73 -17.30 -18.21 -24.45
N THR B 74 -16.90 -17.17 -23.73
CA THR B 74 -17.76 -16.03 -23.43
C THR B 74 -18.18 -15.24 -24.68
N LYS B 75 -17.36 -15.31 -25.74
CA LYS B 75 -17.68 -14.62 -26.99
C LYS B 75 -18.87 -15.29 -27.68
N ASP B 76 -19.23 -16.49 -27.23
CA ASP B 76 -20.37 -17.21 -27.75
C ASP B 76 -21.51 -17.11 -26.73
N LEU B 77 -21.59 -15.96 -26.09
CA LEU B 77 -22.62 -15.65 -25.11
C LEU B 77 -23.32 -14.41 -25.61
N PRO B 78 -24.53 -14.56 -26.14
CA PRO B 78 -25.29 -13.43 -26.65
C PRO B 78 -25.38 -12.34 -25.59
N VAL B 79 -25.75 -12.75 -24.38
CA VAL B 79 -25.90 -11.85 -23.23
C VAL B 79 -24.59 -11.23 -22.79
N PHE B 80 -23.54 -12.04 -22.63
CA PHE B 80 -22.26 -11.50 -22.22
C PHE B 80 -21.84 -10.41 -23.20
N ARG B 81 -21.97 -10.72 -24.48
CA ARG B 81 -21.64 -9.78 -25.55
C ARG B 81 -22.52 -8.55 -25.40
N SER B 82 -23.79 -8.78 -25.09
CA SER B 82 -24.78 -7.73 -24.90
C SER B 82 -24.29 -6.60 -23.99
N LEU B 83 -23.46 -6.94 -23.00
CA LEU B 83 -22.91 -5.95 -22.06
C LEU B 83 -21.90 -5.04 -22.72
N PRO B 84 -21.62 -3.86 -22.11
CA PRO B 84 -20.65 -2.92 -22.67
C PRO B 84 -19.22 -3.47 -22.55
N ILE B 85 -18.23 -2.69 -22.98
CA ILE B 85 -16.86 -3.16 -22.94
C ILE B 85 -16.11 -3.00 -21.63
N GLU B 86 -16.19 -1.83 -21.01
CA GLU B 86 -15.51 -1.62 -19.72
C GLU B 86 -15.96 -2.71 -18.75
N ASP B 87 -17.15 -3.25 -19.01
CA ASP B 87 -17.72 -4.29 -18.19
C ASP B 87 -17.30 -5.68 -18.66
N GLN B 88 -17.42 -5.96 -19.95
CA GLN B 88 -16.99 -7.26 -20.45
C GLN B 88 -15.60 -7.55 -19.90
N ILE B 89 -14.70 -6.58 -19.99
CA ILE B 89 -13.33 -6.73 -19.48
C ILE B 89 -13.30 -7.10 -18.00
N SER B 90 -13.80 -6.19 -17.16
CA SER B 90 -13.83 -6.39 -15.71
C SER B 90 -14.38 -7.71 -15.22
N LEU B 91 -15.34 -8.28 -15.96
CA LEU B 91 -15.93 -9.56 -15.57
C LEU B 91 -14.93 -10.68 -15.74
N LEU B 92 -14.28 -10.71 -16.90
CA LEU B 92 -13.26 -11.72 -17.15
C LEU B 92 -12.14 -11.55 -16.12
N LYS B 93 -11.66 -10.32 -15.95
CA LYS B 93 -10.61 -10.04 -15.00
C LYS B 93 -10.92 -10.53 -13.59
N GLY B 94 -12.19 -10.56 -13.24
CA GLY B 94 -12.56 -11.01 -11.91
C GLY B 94 -12.85 -12.50 -11.80
N ALA B 95 -13.17 -13.14 -12.93
CA ALA B 95 -13.50 -14.57 -12.91
C ALA B 95 -12.81 -15.53 -13.88
N ALA B 96 -11.85 -15.09 -14.70
CA ALA B 96 -11.17 -16.00 -15.64
C ALA B 96 -10.38 -17.06 -14.90
N VAL B 97 -9.59 -16.65 -13.91
CA VAL B 97 -8.81 -17.58 -13.09
C VAL B 97 -9.79 -18.50 -12.35
N GLU B 98 -10.76 -17.87 -11.66
CA GLU B 98 -11.78 -18.61 -10.93
C GLU B 98 -12.37 -19.71 -11.80
N ILE B 99 -12.75 -19.38 -13.03
CA ILE B 99 -13.35 -20.33 -13.96
C ILE B 99 -12.45 -21.46 -14.45
N CYS B 100 -11.16 -21.17 -14.60
CA CYS B 100 -10.23 -22.19 -15.06
C CYS B 100 -10.21 -23.33 -14.06
N HIS B 101 -10.10 -23.00 -12.78
CA HIS B 101 -10.12 -24.02 -11.73
C HIS B 101 -11.46 -24.74 -11.69
N ILE B 102 -12.51 -24.04 -12.10
CA ILE B 102 -13.83 -24.63 -12.12
C ILE B 102 -13.81 -25.81 -13.09
N VAL B 103 -13.57 -25.51 -14.36
CA VAL B 103 -13.55 -26.56 -15.37
C VAL B 103 -12.40 -27.54 -15.16
N LEU B 104 -11.29 -27.06 -14.61
CA LEU B 104 -10.14 -27.91 -14.36
C LEU B 104 -10.39 -28.97 -13.28
N ASN B 105 -11.33 -28.70 -12.37
CA ASN B 105 -11.62 -29.67 -11.31
C ASN B 105 -12.16 -30.97 -11.91
N THR B 106 -12.70 -30.91 -13.12
CA THR B 106 -13.24 -32.10 -13.77
C THR B 106 -12.18 -33.09 -14.21
N THR B 107 -10.91 -32.68 -14.15
CA THR B 107 -9.78 -33.55 -14.51
C THR B 107 -9.09 -34.01 -13.22
N PHE B 108 -9.64 -33.61 -12.08
CA PHE B 108 -9.06 -33.99 -10.81
C PHE B 108 -9.39 -35.44 -10.47
N CYS B 109 -8.38 -36.16 -10.00
CA CYS B 109 -8.56 -37.54 -9.60
C CYS B 109 -8.49 -37.54 -8.08
N LEU B 110 -9.65 -37.64 -7.43
CA LEU B 110 -9.70 -37.64 -5.96
C LEU B 110 -8.85 -38.75 -5.35
N GLN B 111 -8.80 -39.88 -6.03
CA GLN B 111 -8.02 -41.01 -5.57
C GLN B 111 -6.54 -40.65 -5.55
N THR B 112 -5.95 -40.45 -6.72
CA THR B 112 -4.54 -40.09 -6.77
C THR B 112 -4.19 -38.66 -6.33
N GLN B 113 -5.21 -37.80 -6.23
CA GLN B 113 -5.04 -36.40 -5.82
C GLN B 113 -4.25 -35.63 -6.90
N ASN B 114 -4.41 -36.05 -8.16
CA ASN B 114 -3.69 -35.47 -9.31
C ASN B 114 -4.63 -35.09 -10.44
N PHE B 115 -4.17 -34.18 -11.30
CA PHE B 115 -4.94 -33.76 -12.47
C PHE B 115 -4.53 -34.64 -13.61
N LEU B 116 -5.52 -35.07 -14.39
CA LEU B 116 -5.26 -35.94 -15.50
C LEU B 116 -5.83 -35.26 -16.72
N CYS B 117 -4.97 -34.61 -17.47
CA CYS B 117 -5.38 -33.88 -18.65
C CYS B 117 -4.95 -34.57 -19.94
N GLY B 118 -5.55 -35.74 -20.15
CA GLY B 118 -5.24 -36.57 -21.30
C GLY B 118 -4.14 -37.50 -20.83
N PRO B 119 -3.07 -37.65 -21.61
CA PRO B 119 -1.95 -38.51 -21.24
C PRO B 119 -1.01 -37.87 -20.18
N LEU B 120 -1.41 -36.72 -19.65
CA LEU B 120 -0.62 -36.01 -18.67
C LEU B 120 -1.21 -36.16 -17.27
N ARG B 121 -0.35 -36.05 -16.27
CA ARG B 121 -0.73 -36.16 -14.87
C ARG B 121 0.08 -35.14 -14.05
N TYR B 122 -0.60 -34.13 -13.51
CA TYR B 122 0.05 -33.08 -12.71
C TYR B 122 -0.11 -33.32 -11.21
N THR B 123 0.94 -33.06 -10.45
CA THR B 123 0.92 -33.26 -9.01
C THR B 123 1.25 -31.97 -8.23
N ILE B 124 1.07 -32.01 -6.91
CA ILE B 124 1.35 -30.83 -6.09
C ILE B 124 2.84 -30.55 -5.89
N GLU B 125 3.71 -31.49 -6.28
CA GLU B 125 5.15 -31.28 -6.14
C GLU B 125 5.58 -30.56 -7.40
N ASP B 126 4.75 -30.70 -8.45
CA ASP B 126 4.98 -30.02 -9.71
C ASP B 126 4.78 -28.54 -9.43
N GLY B 127 3.72 -28.23 -8.69
CA GLY B 127 3.43 -26.86 -8.31
C GLY B 127 4.60 -26.34 -7.53
N ALA B 128 4.98 -27.11 -6.52
CA ALA B 128 6.09 -26.76 -5.68
C ALA B 128 7.27 -26.39 -6.57
N ARG B 129 7.53 -27.23 -7.58
CA ARG B 129 8.64 -27.01 -8.52
C ARG B 129 8.54 -25.69 -9.27
N VAL B 130 7.37 -25.42 -9.85
CA VAL B 130 7.11 -24.18 -10.58
C VAL B 130 7.45 -22.96 -9.69
N GLY B 131 7.31 -23.13 -8.37
CA GLY B 131 7.62 -22.05 -7.45
C GLY B 131 6.52 -21.65 -6.49
N PHE B 132 5.31 -22.17 -6.70
CA PHE B 132 4.18 -21.82 -5.84
C PHE B 132 4.44 -22.21 -4.40
N GLN B 133 4.21 -21.27 -3.50
CA GLN B 133 4.45 -21.52 -2.09
C GLN B 133 3.60 -22.62 -1.50
N VAL B 134 4.26 -23.50 -0.77
CA VAL B 134 3.63 -24.65 -0.13
C VAL B 134 2.23 -24.44 0.41
N GLU B 135 2.04 -23.30 1.07
CA GLU B 135 0.77 -22.94 1.67
C GLU B 135 -0.34 -22.68 0.65
N PHE B 136 0.01 -21.96 -0.41
CA PHE B 136 -0.95 -21.71 -1.48
C PHE B 136 -1.29 -23.05 -2.14
N LEU B 137 -0.34 -23.96 -2.14
CA LEU B 137 -0.50 -25.28 -2.73
C LEU B 137 -1.49 -26.12 -1.93
N GLU B 138 -1.31 -26.13 -0.61
CA GLU B 138 -2.19 -26.87 0.28
C GLU B 138 -3.60 -26.40 0.01
N LEU B 139 -3.79 -25.12 0.27
CA LEU B 139 -5.08 -24.47 0.07
C LEU B 139 -5.73 -24.77 -1.29
N LEU B 140 -4.93 -24.79 -2.35
CA LEU B 140 -5.46 -25.03 -3.68
C LEU B 140 -5.97 -26.44 -3.95
N PHE B 141 -5.26 -27.45 -3.45
CA PHE B 141 -5.70 -28.82 -3.66
C PHE B 141 -6.86 -29.14 -2.74
N HIS B 142 -6.87 -28.51 -1.57
CA HIS B 142 -7.93 -28.70 -0.62
C HIS B 142 -9.24 -28.28 -1.30
N PHE B 143 -9.24 -27.09 -1.92
CA PHE B 143 -10.41 -26.59 -2.62
C PHE B 143 -10.93 -27.60 -3.63
N HIS B 144 -10.03 -28.07 -4.48
CA HIS B 144 -10.39 -29.01 -5.51
C HIS B 144 -10.92 -30.33 -4.99
N GLY B 145 -10.42 -30.77 -3.83
CA GLY B 145 -10.91 -32.00 -3.26
C GLY B 145 -12.38 -31.75 -2.99
N THR B 146 -12.61 -30.78 -2.11
CA THR B 146 -13.94 -30.32 -1.69
C THR B 146 -14.93 -30.32 -2.86
N LEU B 147 -14.53 -29.61 -3.91
CA LEU B 147 -15.32 -29.45 -5.11
C LEU B 147 -15.60 -30.77 -5.84
N ARG B 148 -14.57 -31.56 -6.06
CA ARG B 148 -14.72 -32.84 -6.75
C ARG B 148 -15.66 -33.81 -6.02
N LYS B 149 -15.57 -33.84 -4.70
CA LYS B 149 -16.38 -34.73 -3.87
C LYS B 149 -17.90 -34.60 -4.05
N LEU B 150 -18.36 -33.42 -4.44
CA LEU B 150 -19.79 -33.17 -4.64
C LEU B 150 -20.40 -33.86 -5.87
N GLN B 151 -19.54 -34.38 -6.74
CA GLN B 151 -20.01 -35.07 -7.93
C GLN B 151 -21.14 -34.27 -8.53
N LEU B 152 -20.79 -33.14 -9.12
CA LEU B 152 -21.76 -32.26 -9.72
C LEU B 152 -21.87 -32.57 -11.21
N GLN B 153 -23.05 -33.01 -11.64
CA GLN B 153 -23.25 -33.32 -13.05
C GLN B 153 -22.68 -32.22 -13.92
N GLU B 154 -22.50 -32.49 -15.21
CA GLU B 154 -21.96 -31.50 -16.12
C GLU B 154 -22.67 -30.15 -16.04
N PRO B 155 -24.00 -30.12 -16.23
CA PRO B 155 -24.69 -28.82 -16.16
C PRO B 155 -24.52 -28.12 -14.81
N GLU B 156 -24.30 -28.89 -13.74
CA GLU B 156 -24.09 -28.31 -12.41
C GLU B 156 -22.71 -27.62 -12.39
N TYR B 157 -21.85 -27.96 -13.35
CA TYR B 157 -20.53 -27.35 -13.48
C TYR B 157 -20.64 -26.08 -14.33
N VAL B 158 -21.22 -26.21 -15.52
CA VAL B 158 -21.38 -25.05 -16.43
C VAL B 158 -22.12 -23.88 -15.79
N LEU B 159 -23.03 -24.15 -14.86
CA LEU B 159 -23.76 -23.07 -14.21
C LEU B 159 -22.92 -22.39 -13.12
N LEU B 160 -22.24 -23.20 -12.30
CA LEU B 160 -21.41 -22.65 -11.23
C LEU B 160 -20.47 -21.60 -11.78
N ALA B 161 -19.88 -21.89 -12.93
CA ALA B 161 -18.96 -20.97 -13.57
C ALA B 161 -19.69 -19.66 -13.95
N ALA B 162 -20.90 -19.80 -14.51
CA ALA B 162 -21.72 -18.66 -14.91
C ALA B 162 -21.88 -17.64 -13.78
N MET B 163 -22.07 -18.13 -12.56
CA MET B 163 -22.20 -17.28 -11.40
C MET B 163 -20.91 -16.54 -11.09
N ALA B 164 -19.78 -17.24 -11.23
CA ALA B 164 -18.46 -16.65 -10.99
C ALA B 164 -18.21 -15.51 -11.97
N LEU B 165 -18.67 -15.71 -13.21
CA LEU B 165 -18.53 -14.71 -14.27
C LEU B 165 -19.31 -13.45 -13.95
N PHE B 166 -20.63 -13.59 -14.01
CA PHE B 166 -21.57 -12.51 -13.75
C PHE B 166 -21.67 -12.17 -12.28
N SER B 167 -20.77 -11.30 -11.84
CA SER B 167 -20.76 -10.85 -10.46
C SER B 167 -20.75 -9.34 -10.48
N PRO B 168 -21.67 -8.72 -9.75
CA PRO B 168 -21.67 -7.25 -9.75
C PRO B 168 -20.62 -6.65 -8.81
N ASP B 169 -20.27 -7.35 -7.73
CA ASP B 169 -19.29 -6.81 -6.80
C ASP B 169 -17.92 -6.61 -7.42
N ARG B 170 -17.71 -7.22 -8.57
CA ARG B 170 -16.44 -7.08 -9.28
C ARG B 170 -16.11 -5.60 -9.39
N PRO B 171 -14.83 -5.27 -9.25
CA PRO B 171 -14.45 -3.86 -9.35
C PRO B 171 -14.37 -3.48 -10.84
N GLY B 172 -15.07 -2.41 -11.23
CA GLY B 172 -15.02 -1.98 -12.62
C GLY B 172 -16.31 -2.04 -13.43
N VAL B 173 -17.32 -2.78 -12.96
CA VAL B 173 -18.59 -2.89 -13.68
C VAL B 173 -19.38 -1.59 -13.67
N THR B 174 -20.01 -1.27 -14.79
CA THR B 174 -20.81 -0.04 -14.93
C THR B 174 -22.31 -0.31 -15.04
N GLN B 175 -22.66 -1.50 -15.50
CA GLN B 175 -24.05 -1.92 -15.62
C GLN B 175 -24.31 -2.80 -14.42
N ARG B 176 -23.88 -2.34 -13.24
CA ARG B 176 -24.07 -3.15 -12.05
C ARG B 176 -25.48 -3.68 -11.90
N ASP B 177 -26.45 -3.00 -12.50
CA ASP B 177 -27.82 -3.46 -12.42
C ASP B 177 -28.03 -4.56 -13.44
N GLU B 178 -27.78 -4.27 -14.72
CA GLU B 178 -27.98 -5.28 -15.74
C GLU B 178 -27.21 -6.57 -15.45
N ILE B 179 -26.15 -6.46 -14.65
CA ILE B 179 -25.32 -7.61 -14.28
C ILE B 179 -25.84 -8.34 -13.05
N ASP B 180 -26.33 -7.59 -12.06
CA ASP B 180 -26.87 -8.19 -10.84
C ASP B 180 -28.11 -9.02 -11.13
N GLN B 181 -28.87 -8.61 -12.14
CA GLN B 181 -30.06 -9.34 -12.52
C GLN B 181 -29.65 -10.62 -13.22
N LEU B 182 -28.66 -10.52 -14.11
CA LEU B 182 -28.16 -11.69 -14.85
C LEU B 182 -27.63 -12.69 -13.83
N GLN B 183 -26.91 -12.20 -12.83
CA GLN B 183 -26.39 -13.05 -11.77
C GLN B 183 -27.57 -13.76 -11.12
N GLU B 184 -28.56 -12.97 -10.71
CA GLU B 184 -29.77 -13.49 -10.07
C GLU B 184 -30.41 -14.58 -10.92
N GLU B 185 -30.45 -14.32 -12.23
CA GLU B 185 -31.02 -15.26 -13.19
C GLU B 185 -30.27 -16.59 -13.12
N MET B 186 -28.94 -16.51 -13.17
CA MET B 186 -28.08 -17.69 -13.12
C MET B 186 -28.26 -18.43 -11.81
N ALA B 187 -28.11 -17.70 -10.71
CA ALA B 187 -28.24 -18.25 -9.37
C ALA B 187 -29.52 -19.06 -9.17
N LEU B 188 -30.63 -18.57 -9.73
CA LEU B 188 -31.92 -19.25 -9.60
C LEU B 188 -31.99 -20.51 -10.44
N THR B 189 -31.66 -20.38 -11.72
CA THR B 189 -31.67 -21.49 -12.66
C THR B 189 -30.88 -22.72 -12.16
N LEU B 190 -29.83 -22.47 -11.38
CA LEU B 190 -29.02 -23.56 -10.83
C LEU B 190 -29.80 -24.18 -9.69
N GLN B 191 -30.39 -23.31 -8.87
CA GLN B 191 -31.20 -23.74 -7.73
C GLN B 191 -32.23 -24.75 -8.21
N SER B 192 -32.71 -24.57 -9.45
CA SER B 192 -33.69 -25.47 -10.03
C SER B 192 -33.11 -26.89 -10.19
N TYR B 193 -32.11 -27.01 -11.05
CA TYR B 193 -31.49 -28.29 -11.31
C TYR B 193 -31.11 -29.06 -10.05
N ILE B 194 -30.38 -28.43 -9.13
CA ILE B 194 -29.97 -29.11 -7.91
C ILE B 194 -31.08 -29.91 -7.22
N LYS B 195 -32.26 -29.29 -7.09
CA LYS B 195 -33.40 -29.95 -6.46
C LYS B 195 -33.83 -31.19 -7.22
N GLY B 196 -33.80 -31.10 -8.55
CA GLY B 196 -34.19 -32.22 -9.38
C GLY B 196 -33.23 -33.41 -9.38
N GLN B 197 -32.43 -33.55 -8.32
CA GLN B 197 -31.48 -34.63 -8.21
C GLN B 197 -32.17 -35.97 -8.45
N GLN B 198 -31.99 -36.49 -9.66
CA GLN B 198 -32.56 -37.76 -10.07
C GLN B 198 -32.11 -38.82 -9.05
N ARG B 199 -30.79 -38.93 -8.87
CA ARG B 199 -30.22 -39.86 -7.91
C ARG B 199 -29.71 -38.98 -6.77
N ARG B 200 -29.99 -39.36 -5.53
CA ARG B 200 -29.58 -38.57 -4.36
C ARG B 200 -28.35 -39.08 -3.60
N PRO B 201 -27.19 -39.18 -4.27
CA PRO B 201 -26.06 -39.67 -3.48
C PRO B 201 -25.33 -38.52 -2.79
N ARG B 202 -25.86 -37.30 -2.93
CA ARG B 202 -25.24 -36.12 -2.35
C ARG B 202 -26.07 -35.41 -1.29
N ASP B 203 -25.53 -34.31 -0.79
CA ASP B 203 -26.15 -33.51 0.26
C ASP B 203 -27.41 -32.79 -0.15
N ARG B 204 -27.97 -32.06 0.81
CA ARG B 204 -29.19 -31.29 0.62
C ARG B 204 -28.86 -29.80 0.47
N PHE B 205 -27.80 -29.36 1.17
CA PHE B 205 -27.35 -27.98 1.09
C PHE B 205 -26.17 -27.92 0.12
N LEU B 206 -26.28 -28.65 -0.98
CA LEU B 206 -25.22 -28.68 -1.99
C LEU B 206 -24.97 -27.26 -2.46
N TYR B 207 -26.04 -26.58 -2.87
CA TYR B 207 -25.99 -25.20 -3.34
C TYR B 207 -25.31 -24.28 -2.32
N ALA B 208 -25.78 -24.33 -1.07
CA ALA B 208 -25.24 -23.51 0.01
C ALA B 208 -23.74 -23.72 0.22
N LYS B 209 -23.27 -24.92 -0.09
CA LYS B 209 -21.87 -25.29 0.03
C LYS B 209 -21.09 -24.70 -1.13
N LEU B 210 -21.71 -24.74 -2.32
CA LEU B 210 -21.10 -24.18 -3.52
C LEU B 210 -20.78 -22.69 -3.33
N LEU B 211 -21.76 -21.94 -2.82
CA LEU B 211 -21.60 -20.52 -2.60
C LEU B 211 -20.40 -20.23 -1.68
N GLY B 212 -20.11 -21.16 -0.78
CA GLY B 212 -18.96 -21.01 0.10
C GLY B 212 -17.69 -21.16 -0.71
N LEU B 213 -17.77 -21.99 -1.74
CA LEU B 213 -16.66 -22.25 -2.65
C LEU B 213 -16.50 -21.11 -3.66
N LEU B 214 -17.58 -20.45 -4.02
CA LEU B 214 -17.48 -19.31 -4.91
C LEU B 214 -16.66 -18.26 -4.17
N ALA B 215 -16.78 -18.28 -2.84
CA ALA B 215 -16.05 -17.37 -1.96
C ALA B 215 -14.65 -17.88 -1.77
N GLU B 216 -14.46 -19.17 -2.02
CA GLU B 216 -13.13 -19.78 -1.92
C GLU B 216 -12.41 -19.37 -3.21
N LEU B 217 -13.13 -19.39 -4.32
CA LEU B 217 -12.59 -18.98 -5.60
C LEU B 217 -12.20 -17.49 -5.53
N ARG B 218 -12.86 -16.74 -4.64
CA ARG B 218 -12.57 -15.31 -4.44
C ARG B 218 -11.27 -15.21 -3.65
N SER B 219 -11.22 -15.98 -2.57
CA SER B 219 -10.06 -16.05 -1.70
C SER B 219 -8.85 -16.55 -2.53
N ILE B 220 -9.14 -17.48 -3.44
CA ILE B 220 -8.14 -18.10 -4.32
C ILE B 220 -7.68 -17.26 -5.49
N ASN B 221 -8.60 -16.57 -6.17
CA ASN B 221 -8.20 -15.74 -7.31
C ASN B 221 -7.16 -14.71 -6.83
N GLU B 222 -7.40 -14.15 -5.64
CA GLU B 222 -6.49 -13.15 -5.07
C GLU B 222 -5.14 -13.71 -4.65
N ALA B 223 -5.14 -14.93 -4.10
CA ALA B 223 -3.91 -15.58 -3.65
C ALA B 223 -3.01 -15.99 -4.82
N TYR B 224 -3.63 -16.33 -5.96
CA TYR B 224 -2.90 -16.73 -7.17
C TYR B 224 -2.29 -15.52 -7.87
N GLY B 225 -3.05 -14.43 -7.94
CA GLY B 225 -2.56 -13.23 -8.57
C GLY B 225 -1.24 -12.79 -7.96
N TYR B 226 -1.07 -13.05 -6.66
CA TYR B 226 0.15 -12.70 -5.94
C TYR B 226 1.27 -13.72 -6.22
N GLN B 227 0.91 -15.00 -6.30
CA GLN B 227 1.87 -16.05 -6.54
C GLN B 227 2.64 -15.91 -7.86
N ILE B 228 1.97 -15.56 -8.96
CA ILE B 228 2.69 -15.41 -10.23
C ILE B 228 3.55 -14.16 -10.29
N GLN B 229 3.84 -13.59 -9.12
CA GLN B 229 4.68 -12.42 -8.99
C GLN B 229 5.84 -12.79 -8.05
N HIS B 230 5.52 -13.50 -6.97
CA HIS B 230 6.55 -13.98 -6.03
C HIS B 230 7.50 -14.90 -6.84
N ILE B 231 6.96 -15.50 -7.90
CA ILE B 231 7.70 -16.39 -8.79
C ILE B 231 8.38 -15.59 -9.90
N GLN B 232 9.68 -15.34 -9.70
CA GLN B 232 10.50 -14.57 -10.62
C GLN B 232 10.44 -14.96 -12.10
N GLY B 233 10.05 -14.01 -12.92
CA GLY B 233 9.98 -14.28 -14.35
C GLY B 233 8.75 -15.02 -14.83
N LEU B 234 7.96 -15.56 -13.91
CA LEU B 234 6.76 -16.28 -14.31
C LEU B 234 5.75 -15.28 -14.89
N SER B 235 5.53 -14.19 -14.17
CA SER B 235 4.58 -13.18 -14.63
C SER B 235 4.89 -12.85 -16.09
N ALA B 236 6.12 -12.42 -16.33
CA ALA B 236 6.61 -12.03 -17.65
C ALA B 236 6.19 -12.93 -18.84
N MET B 237 6.00 -14.23 -18.59
CA MET B 237 5.65 -15.15 -19.66
C MET B 237 4.21 -15.11 -20.16
N MET B 238 3.24 -15.01 -19.27
CA MET B 238 1.85 -14.96 -19.69
C MET B 238 1.32 -13.57 -19.45
N PRO B 239 1.52 -12.69 -20.43
CA PRO B 239 1.09 -11.29 -20.38
C PRO B 239 -0.45 -11.19 -20.32
N LEU B 240 -1.12 -12.16 -20.90
CA LEU B 240 -2.57 -12.20 -20.90
C LEU B 240 -3.04 -12.24 -19.45
N LEU B 241 -2.51 -13.18 -18.69
CA LEU B 241 -2.85 -13.35 -17.29
C LEU B 241 -2.45 -12.13 -16.45
N GLN B 242 -1.39 -11.45 -16.87
CA GLN B 242 -0.91 -10.23 -16.19
C GLN B 242 -2.03 -9.20 -16.23
N GLU B 243 -2.73 -9.14 -17.36
CA GLU B 243 -3.85 -8.23 -17.55
C GLU B 243 -5.04 -8.66 -16.72
N ILE B 244 -5.41 -9.93 -16.85
CA ILE B 244 -6.52 -10.48 -16.09
C ILE B 244 -6.32 -10.19 -14.60
N CYS B 245 -5.07 -10.28 -14.17
CA CYS B 245 -4.74 -10.08 -12.78
C CYS B 245 -4.20 -8.69 -12.42
N SER B 246 -4.12 -7.80 -13.40
CA SER B 246 -3.60 -6.45 -13.18
C SER B 246 -4.24 -5.77 -11.97
N ASN C 1 27.10 27.94 -18.24
CA ASN C 1 28.19 28.46 -19.12
C ASN C 1 28.59 27.53 -20.28
N GLU C 2 29.89 27.21 -20.35
CA GLU C 2 30.42 26.35 -21.41
C GLU C 2 30.26 24.86 -21.16
N ASP C 3 30.48 24.43 -19.91
CA ASP C 3 30.38 23.01 -19.54
C ASP C 3 28.92 22.55 -19.46
N MET C 4 28.12 23.31 -18.71
CA MET C 4 26.70 23.02 -18.56
C MET C 4 26.01 24.25 -19.17
N PRO C 5 25.91 24.29 -20.51
CA PRO C 5 25.30 25.40 -21.25
C PRO C 5 23.84 25.69 -20.88
N VAL C 6 23.63 26.80 -20.18
CA VAL C 6 22.29 27.23 -19.78
C VAL C 6 21.37 27.23 -21.00
N GLU C 7 21.95 27.37 -22.18
CA GLU C 7 21.21 27.37 -23.44
C GLU C 7 20.54 26.01 -23.62
N ARG C 8 21.37 24.96 -23.71
CA ARG C 8 20.89 23.59 -23.90
C ARG C 8 19.92 23.06 -22.82
N ILE C 9 20.03 23.57 -21.60
CA ILE C 9 19.16 23.15 -20.50
C ILE C 9 17.79 23.79 -20.59
N LEU C 10 17.74 25.11 -20.72
CA LEU C 10 16.48 25.83 -20.85
C LEU C 10 15.79 25.48 -22.17
N GLU C 11 16.61 25.15 -23.18
CA GLU C 11 16.14 24.78 -24.49
C GLU C 11 15.61 23.34 -24.45
N ALA C 12 16.08 22.57 -23.46
CA ALA C 12 15.67 21.18 -23.27
C ALA C 12 14.36 21.06 -22.50
N GLU C 13 13.95 22.15 -21.83
CA GLU C 13 12.70 22.19 -21.09
C GLU C 13 11.60 22.60 -22.09
N LEU C 14 11.90 23.65 -22.86
CA LEU C 14 10.97 24.17 -23.86
C LEU C 14 10.75 23.19 -24.99
N ALA C 15 11.76 22.39 -25.30
CA ALA C 15 11.63 21.39 -26.35
C ALA C 15 10.76 20.23 -25.86
N VAL C 16 9.81 20.52 -24.97
CA VAL C 16 8.91 19.52 -24.39
C VAL C 16 7.45 19.97 -24.23
N GLU C 17 7.24 21.21 -23.78
CA GLU C 17 5.88 21.71 -23.58
C GLU C 17 5.00 21.58 -24.83
N PRO C 18 3.87 20.86 -24.72
CA PRO C 18 2.97 20.68 -25.87
C PRO C 18 2.58 22.05 -26.43
N LYS C 19 2.57 22.19 -27.74
CA LYS C 19 2.21 23.47 -28.36
C LYS C 19 0.71 23.77 -28.20
N THR C 20 -0.03 22.77 -27.71
CA THR C 20 -1.47 22.87 -27.49
C THR C 20 -1.84 22.58 -26.04
N GLU C 21 -2.04 23.63 -25.24
CA GLU C 21 -2.40 23.50 -23.82
C GLU C 21 -3.84 23.97 -23.58
N THR C 22 -4.72 23.03 -23.24
CA THR C 22 -6.13 23.31 -22.97
C THR C 22 -6.53 22.59 -21.68
N TYR C 23 -7.36 23.23 -20.85
CA TYR C 23 -7.76 22.63 -19.58
C TYR C 23 -9.26 22.49 -19.33
N VAL C 24 -9.59 21.62 -18.39
CA VAL C 24 -10.97 21.31 -18.01
C VAL C 24 -11.08 21.04 -16.51
N GLU C 25 -12.05 21.65 -15.83
CA GLU C 25 -12.20 21.42 -14.39
C GLU C 25 -12.32 19.94 -14.05
N ALA C 26 -11.86 19.57 -12.86
CA ALA C 26 -11.90 18.19 -12.39
C ALA C 26 -13.06 18.02 -11.40
N ASN C 27 -13.87 16.98 -11.61
CA ASN C 27 -15.01 16.75 -10.73
C ASN C 27 -14.61 16.42 -9.29
N MET C 28 -15.41 15.60 -8.62
CA MET C 28 -15.16 15.24 -7.23
C MET C 28 -14.67 13.80 -6.99
N GLY C 29 -14.63 12.99 -8.03
CA GLY C 29 -14.17 11.62 -7.88
C GLY C 29 -15.09 10.72 -7.05
N LEU C 30 -16.37 11.07 -6.98
CA LEU C 30 -17.34 10.26 -6.24
C LEU C 30 -17.71 9.05 -7.08
N ASN C 31 -17.41 9.12 -8.38
CA ASN C 31 -17.64 8.03 -9.32
C ASN C 31 -16.34 7.96 -10.09
N PRO C 32 -15.48 6.99 -9.74
CA PRO C 32 -14.17 6.79 -10.38
C PRO C 32 -14.12 6.49 -11.89
N SER C 33 -15.28 6.38 -12.54
CA SER C 33 -15.35 6.10 -13.98
C SER C 33 -15.42 7.38 -14.83
N SER C 34 -15.76 8.49 -14.18
CA SER C 34 -15.87 9.78 -14.84
C SER C 34 -14.57 10.10 -15.54
N PRO C 35 -14.64 10.60 -16.78
CA PRO C 35 -13.41 10.94 -17.52
C PRO C 35 -12.65 12.12 -16.89
N ASN C 36 -13.15 12.61 -15.75
CA ASN C 36 -12.54 13.74 -15.04
C ASN C 36 -12.23 13.45 -13.53
N ASP C 37 -12.23 12.17 -13.15
CA ASP C 37 -11.95 11.79 -11.75
C ASP C 37 -10.52 12.21 -11.42
N PRO C 38 -10.35 13.03 -10.37
CA PRO C 38 -9.04 13.53 -9.94
C PRO C 38 -7.91 12.49 -9.92
N VAL C 39 -8.05 11.51 -9.04
CA VAL C 39 -7.07 10.44 -8.89
C VAL C 39 -6.77 9.63 -10.13
N THR C 40 -7.81 9.24 -10.88
CA THR C 40 -7.56 8.45 -12.08
C THR C 40 -6.72 9.25 -13.06
N ASN C 41 -6.92 10.57 -13.06
CA ASN C 41 -6.18 11.50 -13.93
C ASN C 41 -4.72 11.68 -13.49
N ILE C 42 -4.53 11.89 -12.20
CA ILE C 42 -3.19 12.05 -11.65
C ILE C 42 -2.29 10.88 -12.08
N CYS C 43 -2.88 9.68 -12.12
CA CYS C 43 -2.18 8.45 -12.50
C CYS C 43 -1.89 8.43 -14.00
N GLN C 44 -2.89 8.82 -14.81
CA GLN C 44 -2.70 8.86 -16.25
C GLN C 44 -1.68 9.94 -16.62
N ALA C 45 -1.65 11.02 -15.84
CA ALA C 45 -0.74 12.13 -16.07
C ALA C 45 0.71 11.68 -15.80
N ALA C 46 0.96 11.20 -14.58
CA ALA C 46 2.29 10.73 -14.22
C ALA C 46 2.78 9.75 -15.27
N ASP C 47 1.91 8.84 -15.70
CA ASP C 47 2.28 7.85 -16.70
C ASP C 47 2.75 8.51 -18.02
N LYS C 48 2.04 9.54 -18.48
CA LYS C 48 2.39 10.23 -19.73
C LYS C 48 3.69 11.06 -19.61
N GLN C 49 3.76 11.82 -18.54
CA GLN C 49 4.88 12.70 -18.26
C GLN C 49 6.14 11.96 -17.82
N LEU C 50 6.17 10.67 -18.08
CA LEU C 50 7.31 9.84 -17.77
C LEU C 50 8.08 9.66 -19.09
N PHE C 51 7.34 9.44 -20.18
CA PHE C 51 7.96 9.31 -21.50
C PHE C 51 8.59 10.67 -21.82
N THR C 52 7.83 11.72 -21.57
CA THR C 52 8.25 13.09 -21.79
C THR C 52 9.36 13.51 -20.81
N LEU C 53 9.58 12.70 -19.78
CA LEU C 53 10.62 12.97 -18.82
C LEU C 53 11.90 12.32 -19.34
N VAL C 54 11.74 11.25 -20.13
CA VAL C 54 12.88 10.56 -20.71
C VAL C 54 13.46 11.47 -21.78
N GLU C 55 12.58 12.09 -22.56
CA GLU C 55 13.01 13.02 -23.59
C GLU C 55 13.69 14.22 -23.00
N TRP C 56 13.16 14.74 -21.89
CA TRP C 56 13.74 15.88 -21.19
C TRP C 56 15.10 15.52 -20.59
N ALA C 57 15.23 14.27 -20.13
CA ALA C 57 16.47 13.78 -19.54
C ALA C 57 17.56 13.76 -20.61
N LYS C 58 17.34 12.99 -21.67
CA LYS C 58 18.27 12.88 -22.77
C LYS C 58 18.80 14.23 -23.26
N ARG C 59 17.90 15.11 -23.68
CA ARG C 59 18.24 16.43 -24.19
C ARG C 59 18.96 17.37 -23.20
N ILE C 60 19.50 16.80 -22.12
CA ILE C 60 20.24 17.53 -21.10
C ILE C 60 21.74 17.45 -21.39
N PRO C 61 22.50 18.53 -21.09
CA PRO C 61 23.93 18.55 -21.33
C PRO C 61 24.79 17.51 -20.57
N HIS C 62 25.31 16.54 -21.33
CA HIS C 62 26.18 15.46 -20.87
C HIS C 62 25.54 14.19 -20.33
N PHE C 63 24.27 14.26 -19.96
CA PHE C 63 23.55 13.10 -19.41
C PHE C 63 23.55 11.89 -20.33
N SER C 64 23.23 12.11 -21.60
CA SER C 64 23.18 11.01 -22.56
C SER C 64 24.47 10.21 -22.58
N GLU C 65 25.58 10.87 -22.27
CA GLU C 65 26.89 10.23 -22.24
C GLU C 65 26.98 9.12 -21.17
N LEU C 66 26.81 9.50 -19.90
CA LEU C 66 26.85 8.57 -18.76
C LEU C 66 26.40 7.14 -19.05
N PRO C 67 26.89 6.17 -18.25
CA PRO C 67 26.55 4.75 -18.41
C PRO C 67 25.05 4.51 -18.41
N LEU C 68 24.58 3.65 -19.30
CA LEU C 68 23.15 3.38 -19.37
C LEU C 68 22.60 3.06 -17.97
N ASP C 69 23.24 2.12 -17.29
CA ASP C 69 22.83 1.67 -15.96
C ASP C 69 22.73 2.78 -14.92
N ASP C 70 23.67 3.71 -14.93
CA ASP C 70 23.64 4.81 -13.98
C ASP C 70 22.62 5.86 -14.46
N GLN C 71 22.25 5.79 -15.73
CA GLN C 71 21.24 6.69 -16.27
C GLN C 71 19.95 6.20 -15.64
N VAL C 72 19.71 4.89 -15.76
CA VAL C 72 18.53 4.26 -15.19
C VAL C 72 18.41 4.55 -13.69
N ILE C 73 19.50 4.38 -12.97
CA ILE C 73 19.54 4.63 -11.54
C ILE C 73 19.13 6.06 -11.19
N LEU C 74 19.62 7.01 -11.98
CA LEU C 74 19.30 8.41 -11.75
C LEU C 74 17.82 8.68 -11.88
N LEU C 75 17.19 8.04 -12.86
CA LEU C 75 15.77 8.20 -13.13
C LEU C 75 14.88 7.56 -12.07
N ARG C 76 15.05 6.27 -11.83
CA ARG C 76 14.24 5.58 -10.82
C ARG C 76 14.14 6.39 -9.53
N ALA C 77 15.28 6.90 -9.08
CA ALA C 77 15.39 7.65 -7.83
C ALA C 77 14.79 9.06 -7.77
N GLY C 78 14.68 9.74 -8.90
CA GLY C 78 14.15 11.09 -8.87
C GLY C 78 12.97 11.41 -9.76
N TRP C 79 12.58 10.50 -10.63
CA TRP C 79 11.46 10.74 -11.53
C TRP C 79 10.24 11.31 -10.80
N ASN C 80 10.08 10.92 -9.54
CA ASN C 80 8.96 11.40 -8.77
C ASN C 80 9.17 12.90 -8.55
N GLU C 81 10.22 13.24 -7.80
CA GLU C 81 10.52 14.65 -7.53
C GLU C 81 10.61 15.53 -8.78
N LEU C 82 10.95 14.93 -9.92
CA LEU C 82 11.07 15.66 -11.18
C LEU C 82 9.70 16.13 -11.64
N LEU C 83 8.79 15.18 -11.83
CA LEU C 83 7.44 15.50 -12.25
C LEU C 83 6.75 16.49 -11.30
N ILE C 84 6.93 16.28 -9.99
CA ILE C 84 6.33 17.17 -9.00
C ILE C 84 6.84 18.60 -9.27
N ALA C 85 8.12 18.74 -9.57
CA ALA C 85 8.71 20.06 -9.88
C ALA C 85 7.96 20.67 -11.05
N SER C 86 7.77 19.86 -12.10
CA SER C 86 7.06 20.27 -13.30
C SER C 86 5.65 20.80 -13.06
N PHE C 87 4.74 19.92 -12.63
CA PHE C 87 3.35 20.32 -12.43
C PHE C 87 3.09 21.42 -11.42
N SER C 88 4.07 21.73 -10.59
CA SER C 88 3.91 22.80 -9.59
C SER C 88 4.19 24.17 -10.23
N HIS C 89 5.19 24.19 -11.08
CA HIS C 89 5.61 25.38 -11.78
C HIS C 89 4.58 25.71 -12.85
N ARG C 90 4.24 24.72 -13.65
CA ARG C 90 3.25 24.87 -14.68
C ARG C 90 2.01 25.53 -14.06
N SER C 91 1.65 25.04 -12.87
CA SER C 91 0.48 25.50 -12.12
C SER C 91 0.58 26.87 -11.43
N ILE C 92 1.59 27.67 -11.77
CA ILE C 92 1.75 29.00 -11.18
C ILE C 92 0.74 29.95 -11.83
N ALA C 93 0.30 29.56 -13.02
CA ALA C 93 -0.65 30.31 -13.81
C ALA C 93 -2.05 30.32 -13.21
N VAL C 94 -2.26 29.47 -12.19
CA VAL C 94 -3.57 29.34 -11.53
C VAL C 94 -3.53 29.43 -9.98
N LYS C 95 -4.56 30.03 -9.37
CA LYS C 95 -4.63 30.15 -7.91
C LYS C 95 -5.46 28.99 -7.36
N ASP C 96 -4.96 28.37 -6.28
CA ASP C 96 -5.59 27.24 -5.59
C ASP C 96 -6.05 26.11 -6.51
N GLY C 97 -5.14 25.65 -7.37
CA GLY C 97 -5.44 24.57 -8.29
C GLY C 97 -4.17 24.01 -8.91
N ILE C 98 -4.26 22.80 -9.45
CA ILE C 98 -3.11 22.16 -10.09
C ILE C 98 -3.42 21.83 -11.53
N LEU C 99 -2.54 22.26 -12.41
CA LEU C 99 -2.70 22.01 -13.83
C LEU C 99 -2.00 20.70 -14.17
N LEU C 100 -2.77 19.65 -14.43
CA LEU C 100 -2.23 18.32 -14.76
C LEU C 100 -2.06 18.21 -16.27
N ALA C 101 -0.94 17.62 -16.70
CA ALA C 101 -0.63 17.45 -18.12
C ALA C 101 -1.60 16.58 -18.94
N THR C 102 -2.78 16.32 -18.38
CA THR C 102 -3.84 15.56 -19.06
C THR C 102 -4.90 16.58 -19.51
N GLY C 103 -4.64 17.85 -19.24
CA GLY C 103 -5.57 18.89 -19.61
C GLY C 103 -6.71 18.93 -18.62
N LEU C 104 -6.38 18.80 -17.35
CA LEU C 104 -7.40 18.84 -16.32
C LEU C 104 -6.93 19.76 -15.23
N HIS C 105 -7.83 20.59 -14.73
CA HIS C 105 -7.48 21.49 -13.65
C HIS C 105 -8.08 20.89 -12.40
N VAL C 106 -7.22 20.58 -11.43
CA VAL C 106 -7.68 19.99 -10.20
C VAL C 106 -7.76 21.06 -9.12
N HIS C 107 -8.98 21.47 -8.78
CA HIS C 107 -9.16 22.50 -7.77
C HIS C 107 -8.91 21.98 -6.36
N ARG C 108 -8.52 22.89 -5.47
CA ARG C 108 -8.25 22.63 -4.07
C ARG C 108 -9.37 21.77 -3.44
N ASN C 109 -10.60 21.93 -3.92
CA ASN C 109 -11.77 21.18 -3.44
C ASN C 109 -11.83 19.77 -3.99
N SER C 110 -11.63 19.64 -5.30
CA SER C 110 -11.63 18.33 -5.95
C SER C 110 -10.60 17.47 -5.23
N ALA C 111 -9.43 18.06 -4.97
CA ALA C 111 -8.36 17.37 -4.28
C ALA C 111 -8.86 16.80 -2.98
N HIS C 112 -9.25 17.67 -2.05
CA HIS C 112 -9.75 17.23 -0.77
C HIS C 112 -10.89 16.22 -0.88
N SER C 113 -11.62 16.29 -1.98
CA SER C 113 -12.74 15.39 -2.22
C SER C 113 -12.30 13.99 -2.67
N ALA C 114 -11.17 13.89 -3.35
CA ALA C 114 -10.67 12.59 -3.77
C ALA C 114 -9.61 12.08 -2.76
N GLY C 115 -9.58 12.71 -1.59
CA GLY C 115 -8.67 12.31 -0.54
C GLY C 115 -7.21 12.59 -0.75
N VAL C 116 -6.91 13.76 -1.31
CA VAL C 116 -5.52 14.18 -1.55
C VAL C 116 -5.31 15.65 -1.19
N GLY C 117 -6.15 16.16 -0.31
CA GLY C 117 -6.05 17.55 0.10
C GLY C 117 -4.83 17.81 0.93
N ALA C 118 -4.64 17.02 1.98
CA ALA C 118 -3.50 17.20 2.85
C ALA C 118 -2.21 17.49 2.05
N ILE C 119 -1.97 16.69 1.02
CA ILE C 119 -0.79 16.83 0.18
C ILE C 119 -0.90 18.00 -0.83
N PHE C 120 -2.07 18.15 -1.47
CA PHE C 120 -2.35 19.22 -2.43
C PHE C 120 -1.94 20.54 -1.81
N ASP C 121 -2.51 20.83 -0.65
CA ASP C 121 -2.21 22.03 0.09
C ASP C 121 -0.72 22.23 0.21
N ARG C 122 -0.01 21.15 0.51
CA ARG C 122 1.44 21.16 0.68
C ARG C 122 2.16 21.46 -0.63
N VAL C 123 1.64 20.93 -1.73
CA VAL C 123 2.24 21.21 -3.03
C VAL C 123 2.07 22.71 -3.30
N LEU C 124 0.85 23.24 -3.20
CA LEU C 124 0.64 24.66 -3.40
C LEU C 124 1.46 25.49 -2.41
N THR C 125 1.14 25.37 -1.12
CA THR C 125 1.82 26.11 -0.06
C THR C 125 3.35 26.14 -0.08
N GLU C 126 3.96 25.05 -0.50
CA GLU C 126 5.41 24.96 -0.50
C GLU C 126 6.07 25.13 -1.86
N LEU C 127 5.46 24.54 -2.90
CA LEU C 127 6.03 24.63 -4.24
C LEU C 127 5.38 25.72 -5.09
N VAL C 128 4.08 25.61 -5.35
CA VAL C 128 3.36 26.58 -6.17
C VAL C 128 3.46 28.02 -5.63
N SER C 129 2.87 28.30 -4.48
CA SER C 129 2.94 29.65 -3.93
C SER C 129 4.38 30.18 -3.89
N LYS C 130 5.33 29.38 -3.42
CA LYS C 130 6.73 29.80 -3.33
C LYS C 130 7.40 30.12 -4.65
N MET C 131 7.22 29.26 -5.65
CA MET C 131 7.80 29.50 -6.97
C MET C 131 7.27 30.84 -7.50
N ARG C 132 5.96 30.95 -7.52
CA ARG C 132 5.27 32.16 -8.00
C ARG C 132 5.72 33.40 -7.24
N ASP C 133 5.82 33.31 -5.92
CA ASP C 133 6.22 34.45 -5.12
C ASP C 133 7.61 35.03 -5.39
N MET C 134 8.29 34.48 -6.39
CA MET C 134 9.61 34.96 -6.78
C MET C 134 9.83 34.59 -8.23
N GLN C 135 8.81 34.86 -9.03
CA GLN C 135 8.80 34.57 -10.46
C GLN C 135 10.07 33.85 -10.89
N MET C 136 10.08 32.54 -10.70
CA MET C 136 11.21 31.70 -11.07
C MET C 136 10.97 31.28 -12.50
N ASP C 137 11.87 31.63 -13.41
CA ASP C 137 11.68 31.29 -14.81
C ASP C 137 11.93 29.83 -15.17
N LYS C 138 11.62 29.50 -16.42
CA LYS C 138 11.79 28.14 -16.92
C LYS C 138 13.25 27.75 -17.08
N THR C 139 14.16 28.69 -16.89
CA THR C 139 15.58 28.38 -17.00
C THR C 139 16.00 27.87 -15.63
N GLU C 140 15.72 28.66 -14.58
CA GLU C 140 16.05 28.28 -13.21
C GLU C 140 15.36 26.97 -12.79
N LEU C 141 14.12 26.76 -13.24
CA LEU C 141 13.37 25.54 -12.95
C LEU C 141 14.08 24.28 -13.48
N GLY C 142 14.58 24.37 -14.71
CA GLY C 142 15.27 23.23 -15.30
C GLY C 142 16.65 22.98 -14.72
N CYS C 143 17.25 24.03 -14.16
CA CYS C 143 18.57 23.88 -13.55
C CYS C 143 18.37 23.03 -12.32
N LEU C 144 17.34 23.35 -11.54
CA LEU C 144 17.05 22.57 -10.35
C LEU C 144 16.58 21.17 -10.73
N ARG C 145 15.90 21.03 -11.86
CA ARG C 145 15.44 19.72 -12.33
C ARG C 145 16.64 18.88 -12.78
N ALA C 146 17.75 19.54 -13.08
CA ALA C 146 18.97 18.86 -13.49
C ALA C 146 19.73 18.49 -12.21
N ILE C 147 19.74 19.41 -11.25
CA ILE C 147 20.37 19.21 -9.93
C ILE C 147 19.77 17.99 -9.18
N VAL C 148 18.49 17.73 -9.41
CA VAL C 148 17.80 16.58 -8.81
C VAL C 148 18.20 15.29 -9.54
N LEU C 149 18.22 15.35 -10.87
CA LEU C 149 18.59 14.20 -11.69
C LEU C 149 20.00 13.73 -11.32
N PHE C 150 20.92 14.68 -11.20
CA PHE C 150 22.30 14.38 -10.84
C PHE C 150 22.47 14.25 -9.32
N ASN C 151 21.88 13.20 -8.75
CA ASN C 151 21.97 12.93 -7.33
C ASN C 151 22.94 11.76 -7.19
N PRO C 152 24.17 12.05 -6.74
CA PRO C 152 25.22 11.04 -6.55
C PRO C 152 24.86 9.99 -5.48
N ASP C 153 24.06 10.41 -4.50
CA ASP C 153 23.63 9.57 -3.39
C ASP C 153 22.80 8.36 -3.76
N SER C 154 22.32 8.28 -5.00
CA SER C 154 21.54 7.12 -5.42
C SER C 154 22.43 5.88 -5.33
N LYS C 155 22.02 4.91 -4.51
CA LYS C 155 22.79 3.69 -4.33
C LYS C 155 22.66 2.80 -5.57
N GLY C 156 23.75 2.08 -5.87
CA GLY C 156 23.77 1.22 -7.04
C GLY C 156 24.57 1.89 -8.15
N LEU C 157 24.73 3.21 -8.01
CA LEU C 157 25.47 4.03 -8.95
C LEU C 157 26.91 3.51 -9.05
N SER C 158 27.31 3.17 -10.28
CA SER C 158 28.65 2.67 -10.54
C SER C 158 29.69 3.79 -10.60
N ASN C 159 29.39 4.86 -11.34
CA ASN C 159 30.32 5.99 -11.45
C ASN C 159 29.76 7.20 -10.70
N PRO C 160 29.90 7.22 -9.38
CA PRO C 160 29.42 8.29 -8.52
C PRO C 160 30.03 9.67 -8.75
N ALA C 161 31.35 9.76 -8.64
CA ALA C 161 32.05 11.03 -8.82
C ALA C 161 31.58 11.79 -10.05
N GLU C 162 31.43 11.06 -11.16
CA GLU C 162 30.99 11.63 -12.42
C GLU C 162 29.67 12.37 -12.26
N VAL C 163 28.72 11.74 -11.57
CA VAL C 163 27.41 12.33 -11.31
C VAL C 163 27.51 13.54 -10.39
N GLU C 164 28.60 13.65 -9.64
CA GLU C 164 28.76 14.81 -8.79
C GLU C 164 29.38 15.95 -9.58
N ALA C 165 30.26 15.60 -10.52
CA ALA C 165 30.88 16.60 -11.36
C ALA C 165 29.77 17.41 -12.02
N LEU C 166 28.81 16.71 -12.61
CA LEU C 166 27.67 17.31 -13.29
C LEU C 166 26.77 18.08 -12.33
N ARG C 167 26.47 17.51 -11.16
CA ARG C 167 25.63 18.19 -10.17
C ARG C 167 26.36 19.48 -9.75
N GLU C 168 27.65 19.57 -10.07
CA GLU C 168 28.49 20.73 -9.78
C GLU C 168 28.42 21.75 -10.92
N LYS C 169 28.64 21.27 -12.15
CA LYS C 169 28.60 22.13 -13.32
C LYS C 169 27.25 22.86 -13.37
N VAL C 170 26.16 22.12 -13.12
CA VAL C 170 24.82 22.69 -13.11
C VAL C 170 24.66 23.71 -11.99
N TYR C 171 25.38 23.51 -10.88
CA TYR C 171 25.31 24.46 -9.76
C TYR C 171 25.94 25.77 -10.24
N ALA C 172 27.03 25.65 -11.00
CA ALA C 172 27.75 26.82 -11.51
C ALA C 172 26.94 27.58 -12.55
N SER C 173 26.57 26.91 -13.64
CA SER C 173 25.77 27.53 -14.69
C SER C 173 24.57 28.25 -14.08
N LEU C 174 23.98 27.63 -13.07
CA LEU C 174 22.82 28.19 -12.39
C LEU C 174 23.14 29.41 -11.52
N GLU C 175 24.33 29.47 -10.94
CA GLU C 175 24.64 30.67 -10.16
C GLU C 175 25.15 31.73 -11.14
N ALA C 176 25.63 31.29 -12.29
CA ALA C 176 26.09 32.18 -13.35
C ALA C 176 24.83 32.90 -13.81
N TYR C 177 23.87 32.10 -14.31
CA TYR C 177 22.60 32.62 -14.77
C TYR C 177 21.90 33.47 -13.70
N CYS C 178 21.92 33.05 -12.44
CA CYS C 178 21.26 33.79 -11.36
C CYS C 178 21.89 35.13 -10.97
N LYS C 179 23.09 35.38 -11.45
CA LYS C 179 23.76 36.66 -11.16
C LYS C 179 23.69 37.54 -12.41
N HIS C 180 23.49 36.92 -13.57
CA HIS C 180 23.38 37.66 -14.83
C HIS C 180 22.00 38.31 -14.99
N LYS C 181 20.97 37.47 -15.06
CA LYS C 181 19.58 37.90 -15.24
C LYS C 181 18.97 38.60 -14.02
N TYR C 182 19.26 38.09 -12.83
CA TYR C 182 18.71 38.65 -11.60
C TYR C 182 19.84 39.06 -10.65
N PRO C 183 20.56 40.14 -11.00
CA PRO C 183 21.69 40.75 -10.29
C PRO C 183 21.31 41.62 -9.09
N GLU C 184 20.17 42.28 -9.17
CA GLU C 184 19.71 43.13 -8.09
C GLU C 184 19.36 42.32 -6.84
N GLN C 185 19.02 41.05 -7.02
CA GLN C 185 18.70 40.18 -5.88
C GLN C 185 19.83 39.19 -5.59
N PRO C 186 20.39 39.30 -4.38
CA PRO C 186 21.49 38.57 -3.72
C PRO C 186 21.35 37.06 -3.51
N GLY C 187 20.62 36.69 -2.46
CA GLY C 187 20.44 35.29 -2.12
C GLY C 187 19.53 34.49 -3.03
N ARG C 188 19.39 34.89 -4.29
CA ARG C 188 18.52 34.16 -5.22
C ARG C 188 18.96 32.72 -5.47
N PHE C 189 20.27 32.51 -5.68
CA PHE C 189 20.76 31.17 -5.93
C PHE C 189 20.39 30.24 -4.77
N ALA C 190 20.75 30.67 -3.57
CA ALA C 190 20.47 29.93 -2.33
C ALA C 190 18.97 29.70 -2.19
N LYS C 191 18.21 30.78 -2.37
CA LYS C 191 16.74 30.83 -2.29
C LYS C 191 16.13 29.82 -3.28
N LEU C 192 16.82 29.64 -4.39
CA LEU C 192 16.40 28.71 -5.43
C LEU C 192 16.52 27.27 -4.93
N LEU C 193 17.65 26.97 -4.30
CA LEU C 193 17.90 25.63 -3.80
C LEU C 193 17.20 25.29 -2.49
N LEU C 194 16.78 26.30 -1.75
CA LEU C 194 16.07 26.05 -0.49
C LEU C 194 14.85 25.16 -0.71
N ARG C 195 14.39 25.10 -1.95
CA ARG C 195 13.23 24.30 -2.29
C ARG C 195 13.48 22.80 -2.19
N LEU C 196 14.70 22.38 -2.50
CA LEU C 196 15.09 20.95 -2.46
C LEU C 196 14.53 20.11 -1.29
N PRO C 197 14.81 20.51 -0.02
CA PRO C 197 14.30 19.75 1.13
C PRO C 197 12.80 19.45 1.03
N ALA C 198 12.02 20.51 0.87
CA ALA C 198 10.56 20.41 0.76
C ALA C 198 10.12 19.49 -0.39
N LEU C 199 10.77 19.57 -1.54
CA LEU C 199 10.42 18.71 -2.66
C LEU C 199 10.61 17.24 -2.30
N ARG C 200 11.72 16.96 -1.59
CA ARG C 200 12.08 15.63 -1.11
C ARG C 200 10.93 15.02 -0.30
N SER C 201 10.53 15.72 0.77
CA SER C 201 9.44 15.28 1.62
C SER C 201 8.15 15.12 0.83
N ILE C 202 7.79 16.13 0.07
CA ILE C 202 6.57 16.10 -0.75
C ILE C 202 6.60 14.95 -1.76
N GLY C 203 7.78 14.66 -2.31
CA GLY C 203 7.88 13.56 -3.25
C GLY C 203 7.65 12.25 -2.51
N LEU C 204 8.15 12.17 -1.28
CA LEU C 204 8.01 11.00 -0.44
C LEU C 204 6.54 10.72 -0.12
N LYS C 205 5.82 11.78 0.25
CA LYS C 205 4.41 11.72 0.60
C LYS C 205 3.54 11.39 -0.62
N CYS C 206 4.00 11.74 -1.83
CA CYS C 206 3.23 11.44 -3.03
C CYS C 206 3.52 10.04 -3.54
N LEU C 207 4.44 9.35 -2.89
CA LEU C 207 4.76 7.98 -3.26
C LEU C 207 3.79 7.12 -2.47
N GLU C 208 3.59 7.49 -1.19
CA GLU C 208 2.65 6.80 -0.32
C GLU C 208 1.33 6.72 -1.06
N HIS C 209 0.80 7.90 -1.39
CA HIS C 209 -0.47 8.02 -2.11
C HIS C 209 -0.43 7.14 -3.35
N LEU C 210 0.59 7.26 -4.19
CA LEU C 210 0.68 6.45 -5.39
C LEU C 210 0.61 4.95 -5.12
N PHE C 211 1.22 4.50 -4.01
CA PHE C 211 1.16 3.08 -3.67
C PHE C 211 -0.28 2.71 -3.31
N PHE C 212 -0.93 3.56 -2.53
CA PHE C 212 -2.30 3.35 -2.15
C PHE C 212 -3.18 3.17 -3.39
N PHE C 213 -2.97 3.97 -4.44
CA PHE C 213 -3.80 3.84 -5.65
C PHE C 213 -3.55 2.57 -6.44
N LYS C 214 -2.36 1.98 -6.29
CA LYS C 214 -1.98 0.76 -7.01
C LYS C 214 -2.28 -0.53 -6.26
N LEU C 215 -1.73 -0.63 -5.06
CA LEU C 215 -1.84 -1.80 -4.20
C LEU C 215 -3.19 -2.00 -3.49
N ILE C 216 -3.96 -0.94 -3.28
CA ILE C 216 -5.26 -1.05 -2.62
C ILE C 216 -6.42 -0.61 -3.52
N GLY C 217 -6.69 0.70 -3.54
CA GLY C 217 -7.74 1.23 -4.38
C GLY C 217 -7.57 0.63 -5.76
N ASP C 218 -8.66 0.41 -6.49
CA ASP C 218 -8.51 -0.20 -7.80
C ASP C 218 -8.34 0.80 -8.94
N THR C 219 -7.62 1.91 -8.69
CA THR C 219 -7.37 2.92 -9.71
C THR C 219 -6.44 2.32 -10.74
N PRO C 220 -6.95 2.14 -11.96
CA PRO C 220 -6.12 1.55 -13.03
C PRO C 220 -4.79 2.29 -13.24
N ILE C 221 -3.70 1.54 -13.16
CA ILE C 221 -2.35 2.09 -13.34
C ILE C 221 -1.78 1.64 -14.68
N ASP C 222 -1.19 2.58 -15.42
CA ASP C 222 -0.63 2.28 -16.72
C ASP C 222 0.78 1.68 -16.73
N THR C 223 1.08 1.01 -17.82
CA THR C 223 2.33 0.29 -18.01
C THR C 223 3.66 0.98 -17.66
N PHE C 224 3.86 2.23 -18.06
CA PHE C 224 5.14 2.89 -17.76
C PHE C 224 5.16 3.49 -16.34
N LEU C 225 4.03 4.01 -15.86
CA LEU C 225 3.93 4.54 -14.49
C LEU C 225 4.21 3.37 -13.55
N MET C 226 3.50 2.28 -13.82
CA MET C 226 3.56 1.01 -13.11
C MET C 226 5.00 0.48 -12.93
N GLU C 227 5.79 0.56 -13.99
CA GLU C 227 7.17 0.08 -13.96
C GLU C 227 8.19 0.89 -13.13
N MET C 228 7.94 2.18 -12.88
CA MET C 228 8.88 2.98 -12.10
C MET C 228 8.77 2.83 -10.59
N LEU C 229 7.63 2.34 -10.11
CA LEU C 229 7.48 2.17 -8.69
C LEU C 229 7.21 0.73 -8.23
N GLU C 230 7.80 0.38 -7.08
CA GLU C 230 7.70 -0.92 -6.41
C GLU C 230 8.10 -0.91 -4.91
N ALA C 231 8.99 0.02 -4.51
CA ALA C 231 9.48 0.16 -3.12
C ALA C 231 8.53 -0.38 -2.06
N PRO C 232 8.71 -1.66 -1.73
CA PRO C 232 7.98 -2.50 -0.77
C PRO C 232 7.73 -2.05 0.65
N HIS C 233 6.68 -2.66 1.18
CA HIS C 233 6.16 -2.56 2.54
C HIS C 233 6.11 -4.06 2.89
N GLN C 234 5.84 -4.86 1.85
CA GLN C 234 5.71 -6.30 1.86
C GLN C 234 7.05 -7.05 2.04
N MET C 235 7.88 -7.05 1.00
CA MET C 235 9.18 -7.76 1.06
C MET C 235 9.86 -7.70 2.46
N THR C 236 10.10 -6.48 2.97
CA THR C 236 10.74 -6.19 4.26
C THR C 236 9.96 -6.75 5.48
N PRO D 1 33.87 36.64 0.41
CA PRO D 1 33.85 36.94 1.87
C PRO D 1 32.97 38.15 2.25
N VAL D 2 31.89 37.89 2.98
CA VAL D 2 30.96 38.93 3.44
C VAL D 2 31.20 39.28 4.93
N GLN D 3 30.22 39.88 5.61
CA GLN D 3 30.40 40.24 7.02
C GLN D 3 29.56 39.48 8.04
N LEU D 4 29.37 40.08 9.21
CA LEU D 4 28.60 39.49 10.28
C LEU D 4 27.95 40.55 11.17
N SER D 5 26.67 40.82 10.90
CA SER D 5 25.91 41.81 11.64
C SER D 5 25.77 41.43 13.11
N LYS D 6 25.26 42.35 13.92
CA LYS D 6 25.06 42.08 15.34
C LYS D 6 24.05 40.95 15.52
N GLU D 7 23.21 40.73 14.51
CA GLU D 7 22.21 39.68 14.54
C GLU D 7 22.84 38.30 14.41
N GLN D 8 23.52 38.08 13.28
CA GLN D 8 24.18 36.81 13.00
C GLN D 8 25.26 36.51 14.05
N GLU D 9 25.69 37.54 14.76
CA GLU D 9 26.71 37.41 15.80
C GLU D 9 26.04 37.09 17.14
N GLU D 10 24.86 37.66 17.35
CA GLU D 10 24.10 37.42 18.57
C GLU D 10 23.38 36.08 18.45
N LEU D 11 23.15 35.64 17.20
CA LEU D 11 22.46 34.39 16.87
C LEU D 11 23.33 33.16 17.11
N ILE D 12 24.43 33.08 16.37
CA ILE D 12 25.36 31.97 16.52
C ILE D 12 25.77 31.78 17.99
N ARG D 13 25.88 32.89 18.73
CA ARG D 13 26.23 32.85 20.16
C ARG D 13 25.16 32.09 20.94
N THR D 14 23.89 32.35 20.62
CA THR D 14 22.78 31.69 21.29
C THR D 14 22.76 30.21 20.90
N LEU D 15 22.80 29.92 19.61
CA LEU D 15 22.78 28.54 19.11
C LEU D 15 23.83 27.67 19.80
N LEU D 16 25.09 28.11 19.71
CA LEU D 16 26.19 27.37 20.32
C LEU D 16 26.16 27.50 21.86
N GLY D 17 25.39 28.47 22.36
CA GLY D 17 25.28 28.64 23.79
C GLY D 17 24.52 27.47 24.40
N ALA D 18 23.29 27.28 23.95
CA ALA D 18 22.43 26.18 24.43
C ALA D 18 22.86 24.84 23.85
N HIS D 19 23.55 24.85 22.72
CA HIS D 19 24.01 23.60 22.12
C HIS D 19 25.17 23.01 22.92
N THR D 20 26.10 23.86 23.35
CA THR D 20 27.24 23.39 24.12
C THR D 20 26.80 23.13 25.56
N ARG D 21 25.66 23.69 25.93
CA ARG D 21 25.10 23.49 27.26
C ARG D 21 24.34 22.16 27.37
N HIS D 22 23.82 21.63 26.27
CA HIS D 22 23.07 20.37 26.30
C HIS D 22 23.53 19.26 25.34
N MET D 23 23.98 19.65 24.16
CA MET D 23 24.43 18.65 23.19
C MET D 23 25.94 18.73 22.95
N GLY D 24 26.44 17.84 22.12
CA GLY D 24 27.87 17.82 21.85
C GLY D 24 28.66 17.22 23.00
N THR D 25 28.15 17.38 24.22
CA THR D 25 28.79 16.87 25.44
C THR D 25 28.06 15.60 25.95
N MET D 26 26.99 15.24 25.25
CA MET D 26 26.16 14.10 25.61
C MET D 26 26.59 12.76 25.05
N PHE D 27 27.70 12.70 24.31
CA PHE D 27 28.13 11.44 23.73
C PHE D 27 29.03 10.55 24.60
N GLU D 28 29.79 11.17 25.50
CA GLU D 28 30.64 10.40 26.42
C GLU D 28 29.68 9.76 27.41
N GLN D 29 28.49 10.35 27.51
CA GLN D 29 27.44 9.89 28.41
C GLN D 29 26.63 8.69 27.98
N PHE D 30 27.03 8.03 26.91
CA PHE D 30 26.31 6.84 26.48
C PHE D 30 26.75 5.64 27.31
N VAL D 31 27.81 5.84 28.10
CA VAL D 31 28.36 4.82 28.96
C VAL D 31 27.41 4.52 30.12
N GLN D 32 26.53 5.50 30.41
CA GLN D 32 25.58 5.41 31.51
C GLN D 32 24.25 4.70 31.25
N PHE D 33 24.14 4.00 30.13
CA PHE D 33 22.88 3.33 29.83
C PHE D 33 23.08 1.85 29.66
N ARG D 34 23.72 1.23 30.65
CA ARG D 34 24.02 -0.20 30.63
C ARG D 34 24.49 -0.62 29.23
N PRO D 35 25.60 -0.01 28.74
CA PRO D 35 26.09 -0.37 27.41
C PRO D 35 26.79 -1.73 27.34
N PRO D 36 26.44 -2.56 26.35
CA PRO D 36 27.03 -3.88 26.14
C PRO D 36 28.55 -3.84 26.17
N ALA D 37 29.14 -4.84 26.82
CA ALA D 37 30.59 -4.93 26.97
C ALA D 37 31.40 -4.88 25.67
N HIS D 38 30.96 -5.60 24.65
CA HIS D 38 31.69 -5.63 23.38
C HIS D 38 31.85 -4.25 22.74
N LEU D 39 31.19 -3.24 23.32
CA LEU D 39 31.26 -1.85 22.83
C LEU D 39 32.51 -1.17 23.37
N PHE D 40 32.91 -1.54 24.58
CA PHE D 40 34.10 -0.98 25.19
C PHE D 40 35.34 -1.52 24.47
N ILE D 41 35.45 -2.84 24.38
CA ILE D 41 36.59 -3.52 23.72
C ILE D 41 36.26 -3.73 22.24
N HIS D 42 36.57 -2.71 21.45
CA HIS D 42 36.30 -2.66 20.01
C HIS D 42 37.17 -3.46 19.04
N HIS D 43 37.94 -4.42 19.53
CA HIS D 43 38.77 -5.22 18.63
C HIS D 43 38.00 -6.40 18.05
N GLN D 44 36.97 -6.83 18.77
CA GLN D 44 36.11 -7.92 18.32
C GLN D 44 34.66 -7.55 18.60
N PRO D 45 33.75 -7.95 17.70
CA PRO D 45 32.28 -7.75 17.70
C PRO D 45 31.48 -8.57 18.72
N LEU D 46 30.15 -8.60 18.56
CA LEU D 46 29.28 -9.34 19.45
C LEU D 46 29.20 -10.80 18.99
N PRO D 47 29.57 -11.76 19.87
CA PRO D 47 29.53 -13.18 19.50
C PRO D 47 28.17 -13.48 18.89
N THR D 48 28.20 -14.11 17.73
CA THR D 48 27.00 -14.44 17.01
C THR D 48 25.85 -14.98 17.85
N LEU D 49 26.16 -15.94 18.73
CA LEU D 49 25.12 -16.53 19.55
C LEU D 49 24.82 -15.79 20.84
N ALA D 50 25.39 -14.59 21.01
CA ALA D 50 25.15 -13.81 22.20
C ALA D 50 23.75 -13.19 22.09
N PRO D 51 23.02 -13.11 23.22
CA PRO D 51 21.68 -12.52 23.15
C PRO D 51 21.84 -11.06 22.71
N VAL D 52 21.09 -10.66 21.69
CA VAL D 52 21.15 -9.30 21.15
C VAL D 52 20.47 -8.27 22.05
N LEU D 53 19.48 -8.74 22.81
CA LEU D 53 18.69 -7.92 23.73
C LEU D 53 19.39 -6.82 24.53
N PRO D 54 20.58 -7.09 25.10
CA PRO D 54 21.22 -6.01 25.86
C PRO D 54 21.72 -4.84 24.98
N LEU D 55 21.97 -5.15 23.71
CA LEU D 55 22.42 -4.15 22.73
C LEU D 55 21.21 -3.30 22.34
N VAL D 56 20.19 -3.98 21.81
CA VAL D 56 18.93 -3.35 21.41
C VAL D 56 18.40 -2.47 22.56
N THR D 57 18.34 -3.04 23.76
CA THR D 57 17.89 -2.32 24.94
C THR D 57 18.66 -1.00 25.03
N HIS D 58 19.98 -1.11 24.90
CA HIS D 58 20.87 0.03 24.97
C HIS D 58 20.56 1.06 23.89
N PHE D 59 20.52 0.61 22.64
CA PHE D 59 20.21 1.48 21.51
C PHE D 59 18.98 2.33 21.83
N ALA D 60 17.93 1.69 22.34
CA ALA D 60 16.70 2.37 22.66
C ALA D 60 16.79 3.33 23.86
N ASP D 61 17.82 3.19 24.68
CA ASP D 61 17.96 4.08 25.84
C ASP D 61 18.73 5.34 25.50
N ILE D 62 19.81 5.21 24.73
CA ILE D 62 20.64 6.35 24.30
C ILE D 62 19.91 7.08 23.15
N ASN D 63 19.13 6.31 22.42
CA ASN D 63 18.34 6.81 21.32
C ASN D 63 17.35 7.79 21.92
N THR D 64 16.59 7.32 22.90
CA THR D 64 15.61 8.14 23.60
C THR D 64 16.30 9.29 24.36
N PHE D 65 17.56 9.08 24.72
CA PHE D 65 18.36 10.05 25.46
C PHE D 65 18.72 11.23 24.59
N MET D 66 19.20 10.96 23.38
CA MET D 66 19.59 12.03 22.50
C MET D 66 18.43 12.95 22.25
N VAL D 67 17.28 12.37 21.89
CA VAL D 67 16.09 13.18 21.62
C VAL D 67 15.64 14.00 22.85
N LEU D 68 16.01 13.53 24.05
CA LEU D 68 15.68 14.22 25.30
C LEU D 68 16.56 15.45 25.46
N GLN D 69 17.73 15.41 24.83
CA GLN D 69 18.66 16.53 24.86
C GLN D 69 18.34 17.44 23.67
N VAL D 70 17.82 16.85 22.61
CA VAL D 70 17.42 17.60 21.43
C VAL D 70 16.23 18.47 21.85
N ILE D 71 15.48 18.01 22.87
CA ILE D 71 14.34 18.75 23.42
C ILE D 71 14.88 19.82 24.36
N LYS D 72 15.86 19.45 25.18
CA LYS D 72 16.49 20.38 26.11
C LYS D 72 17.09 21.55 25.33
N PHE D 73 17.70 21.23 24.20
CA PHE D 73 18.33 22.21 23.34
C PHE D 73 17.37 23.32 22.93
N THR D 74 16.21 22.93 22.42
CA THR D 74 15.20 23.89 21.96
C THR D 74 14.48 24.64 23.10
N LYS D 75 14.34 23.99 24.27
CA LYS D 75 13.70 24.63 25.43
C LYS D 75 14.53 25.83 25.89
N ASP D 76 15.83 25.79 25.59
CA ASP D 76 16.76 26.85 25.95
C ASP D 76 16.92 27.81 24.76
N LEU D 77 15.81 28.11 24.09
CA LEU D 77 15.80 29.01 22.94
C LEU D 77 14.52 29.87 22.93
N PRO D 78 14.67 31.20 23.02
CA PRO D 78 13.62 32.22 23.03
C PRO D 78 12.68 32.22 21.84
N VAL D 79 13.24 32.02 20.65
CA VAL D 79 12.48 31.99 19.42
C VAL D 79 11.58 30.76 19.32
N PHE D 80 12.02 29.64 19.90
CA PHE D 80 11.24 28.40 19.87
C PHE D 80 10.18 28.36 20.99
N ARG D 81 10.50 28.94 22.15
CA ARG D 81 9.58 28.97 23.27
C ARG D 81 8.51 30.06 23.11
N SER D 82 8.64 30.84 22.03
CA SER D 82 7.71 31.91 21.70
C SER D 82 6.85 31.48 20.51
N LEU D 83 6.60 30.17 20.43
CA LEU D 83 5.78 29.57 19.38
C LEU D 83 4.67 28.79 20.05
N PRO D 84 3.50 28.68 19.40
CA PRO D 84 2.45 27.91 20.06
C PRO D 84 3.00 26.54 20.43
N ILE D 85 2.53 25.98 21.53
CA ILE D 85 3.00 24.68 22.00
C ILE D 85 2.89 23.61 20.91
N GLU D 86 1.80 23.64 20.16
CA GLU D 86 1.56 22.68 19.09
C GLU D 86 2.39 22.91 17.82
N ASP D 87 3.13 24.02 17.77
CA ASP D 87 3.99 24.32 16.63
C ASP D 87 5.35 23.78 16.98
N GLN D 88 5.77 24.09 18.19
CA GLN D 88 7.04 23.63 18.72
C GLN D 88 7.08 22.12 18.46
N ILE D 89 6.03 21.43 18.88
CA ILE D 89 5.92 20.00 18.68
C ILE D 89 6.03 19.49 17.24
N SER D 90 5.37 20.15 16.31
CA SER D 90 5.40 19.73 14.91
C SER D 90 6.78 19.86 14.27
N LEU D 91 7.50 20.91 14.66
CA LEU D 91 8.85 21.15 14.17
C LEU D 91 9.76 20.03 14.64
N LEU D 92 9.56 19.64 15.91
CA LEU D 92 10.32 18.58 16.56
C LEU D 92 9.91 17.20 16.02
N LYS D 93 8.66 17.07 15.63
CA LYS D 93 8.18 15.80 15.13
C LYS D 93 8.77 15.41 13.76
N GLY D 94 9.43 16.36 13.11
CA GLY D 94 10.03 16.04 11.81
C GLY D 94 11.51 16.34 11.83
N ALA D 95 11.94 17.12 12.81
CA ALA D 95 13.33 17.51 12.93
C ALA D 95 14.12 16.72 13.95
N ALA D 96 13.51 16.38 15.09
CA ALA D 96 14.17 15.65 16.18
C ALA D 96 15.19 14.60 15.76
N VAL D 97 14.73 13.60 15.00
CA VAL D 97 15.60 12.52 14.52
C VAL D 97 16.71 13.04 13.63
N GLU D 98 16.35 13.93 12.70
CA GLU D 98 17.30 14.53 11.77
C GLU D 98 18.39 15.24 12.54
N ILE D 99 17.96 16.02 13.54
CA ILE D 99 18.86 16.78 14.41
C ILE D 99 19.80 15.87 15.20
N CYS D 100 19.32 14.68 15.55
CA CYS D 100 20.12 13.71 16.29
C CYS D 100 21.24 13.20 15.41
N HIS D 101 20.96 13.03 14.12
CA HIS D 101 21.97 12.57 13.18
C HIS D 101 23.01 13.62 12.84
N ILE D 102 22.60 14.88 12.77
CA ILE D 102 23.53 15.96 12.47
C ILE D 102 24.51 16.03 13.64
N VAL D 103 23.95 16.23 14.82
CA VAL D 103 24.70 16.34 16.08
C VAL D 103 25.55 15.11 16.38
N LEU D 104 25.16 13.99 15.81
CA LEU D 104 25.85 12.73 15.99
C LEU D 104 26.94 12.50 14.92
N ASN D 105 26.93 13.30 13.87
CA ASN D 105 27.94 13.13 12.84
C ASN D 105 29.29 13.66 13.32
N THR D 106 29.26 14.52 14.33
CA THR D 106 30.49 15.07 14.90
C THR D 106 31.38 13.98 15.48
N THR D 107 30.79 12.84 15.82
CA THR D 107 31.54 11.73 16.42
C THR D 107 32.01 10.67 15.42
N PHE D 108 31.52 10.74 14.20
CA PHE D 108 31.87 9.78 13.17
C PHE D 108 33.33 9.84 12.76
N CYS D 109 33.98 8.68 12.71
CA CYS D 109 35.36 8.61 12.26
C CYS D 109 35.28 8.04 10.86
N LEU D 110 35.71 8.83 9.88
CA LEU D 110 35.67 8.39 8.50
C LEU D 110 36.51 7.16 8.20
N GLN D 111 37.68 7.08 8.84
CA GLN D 111 38.61 5.99 8.66
C GLN D 111 38.05 4.68 9.17
N THR D 112 37.73 4.66 10.46
CA THR D 112 37.15 3.46 11.06
C THR D 112 35.73 3.23 10.52
N GLN D 113 35.02 4.33 10.24
CA GLN D 113 33.66 4.29 9.73
C GLN D 113 32.72 3.96 10.89
N ASN D 114 33.14 4.29 12.11
CA ASN D 114 32.37 4.00 13.29
C ASN D 114 32.19 5.27 14.07
N PHE D 115 31.19 5.31 14.92
CA PHE D 115 30.94 6.48 15.75
C PHE D 115 31.71 6.24 17.02
N LEU D 116 32.60 7.15 17.36
CA LEU D 116 33.41 7.00 18.55
C LEU D 116 32.87 7.98 19.58
N CYS D 117 32.04 7.45 20.48
CA CYS D 117 31.39 8.23 21.55
C CYS D 117 32.07 8.01 22.89
N GLY D 118 33.27 8.56 23.01
CA GLY D 118 34.04 8.40 24.23
C GLY D 118 34.79 7.09 24.10
N PRO D 119 34.66 6.22 25.11
CA PRO D 119 35.32 4.90 25.13
C PRO D 119 34.63 3.91 24.20
N LEU D 120 33.39 4.24 23.82
CA LEU D 120 32.59 3.40 22.96
C LEU D 120 32.89 3.56 21.49
N ARG D 121 32.54 2.53 20.74
CA ARG D 121 32.75 2.48 19.30
C ARG D 121 31.67 1.68 18.59
N TYR D 122 30.70 2.39 18.02
CA TYR D 122 29.59 1.77 17.32
C TYR D 122 29.90 1.56 15.83
N THR D 123 29.53 0.41 15.29
CA THR D 123 29.79 0.07 13.88
C THR D 123 28.55 -0.36 13.11
N ILE D 124 28.66 -0.43 11.78
CA ILE D 124 27.53 -0.84 10.94
C ILE D 124 27.11 -2.28 11.23
N GLU D 125 28.01 -3.02 11.86
CA GLU D 125 27.74 -4.41 12.21
C GLU D 125 26.76 -4.46 13.39
N ASP D 126 26.77 -3.42 14.22
CA ASP D 126 25.87 -3.36 15.36
C ASP D 126 24.45 -2.96 14.94
N GLY D 127 24.35 -2.29 13.80
CA GLY D 127 23.04 -1.90 13.33
C GLY D 127 22.32 -3.16 12.93
N ALA D 128 23.04 -4.03 12.24
CA ALA D 128 22.51 -5.31 11.78
C ALA D 128 22.03 -6.22 12.92
N ARG D 129 22.77 -6.21 14.03
CA ARG D 129 22.45 -7.00 15.23
C ARG D 129 21.13 -6.54 15.84
N VAL D 130 21.06 -5.24 16.13
CA VAL D 130 19.86 -4.65 16.70
C VAL D 130 18.67 -5.10 15.85
N GLY D 131 18.81 -5.02 14.54
CA GLY D 131 17.74 -5.46 13.65
C GLY D 131 17.48 -4.68 12.37
N PHE D 132 18.30 -3.68 12.06
CA PHE D 132 18.10 -2.88 10.85
C PHE D 132 18.47 -3.61 9.57
N GLN D 133 17.91 -3.14 8.46
CA GLN D 133 18.16 -3.73 7.17
C GLN D 133 19.36 -3.16 6.47
N VAL D 134 19.89 -3.96 5.55
CA VAL D 134 21.04 -3.55 4.77
C VAL D 134 20.82 -2.17 4.15
N GLU D 135 19.72 -1.99 3.43
CA GLU D 135 19.44 -0.72 2.78
C GLU D 135 19.58 0.47 3.72
N PHE D 136 18.80 0.49 4.78
CA PHE D 136 18.84 1.62 5.70
C PHE D 136 20.22 1.90 6.26
N LEU D 137 21.03 0.85 6.44
CA LEU D 137 22.38 0.98 6.99
C LEU D 137 23.36 1.52 5.96
N GLU D 138 23.30 0.98 4.75
CA GLU D 138 24.16 1.43 3.66
C GLU D 138 23.82 2.89 3.43
N LEU D 139 22.54 3.14 3.17
CA LEU D 139 22.04 4.49 2.94
C LEU D 139 22.47 5.46 4.04
N LEU D 140 22.22 5.07 5.29
CA LEU D 140 22.55 5.89 6.44
C LEU D 140 24.04 6.16 6.65
N PHE D 141 24.85 5.12 6.59
CA PHE D 141 26.28 5.31 6.78
C PHE D 141 26.93 6.10 5.65
N HIS D 142 26.39 5.97 4.45
CA HIS D 142 26.89 6.71 3.29
C HIS D 142 26.63 8.20 3.57
N PHE D 143 25.43 8.49 4.07
CA PHE D 143 25.04 9.84 4.42
C PHE D 143 26.09 10.44 5.34
N HIS D 144 26.38 9.71 6.42
CA HIS D 144 27.36 10.12 7.40
C HIS D 144 28.78 10.27 6.86
N GLY D 145 29.13 9.48 5.85
CA GLY D 145 30.43 9.62 5.25
C GLY D 145 30.40 10.96 4.54
N THR D 146 29.45 11.08 3.62
CA THR D 146 29.20 12.27 2.82
C THR D 146 29.30 13.61 3.58
N LEU D 147 28.60 13.71 4.70
CA LEU D 147 28.57 14.92 5.53
C LEU D 147 29.80 15.19 6.40
N ARG D 148 30.31 14.14 7.03
CA ARG D 148 31.48 14.27 7.89
C ARG D 148 32.62 14.86 7.07
N LYS D 149 32.76 14.33 5.86
CA LYS D 149 33.78 14.71 4.86
C LYS D 149 33.84 16.19 4.48
N LEU D 150 32.74 16.92 4.65
CA LEU D 150 32.76 18.34 4.32
C LEU D 150 33.53 19.10 5.42
N GLN D 151 33.74 18.43 6.56
CA GLN D 151 34.49 18.98 7.69
C GLN D 151 33.93 20.25 8.28
N LEU D 152 32.61 20.35 8.31
CA LEU D 152 32.04 21.55 8.86
C LEU D 152 32.69 21.82 10.19
N GLN D 153 32.60 23.08 10.59
CA GLN D 153 33.14 23.54 11.84
C GLN D 153 31.95 23.45 12.76
N GLU D 154 32.17 23.55 14.07
CA GLU D 154 31.07 23.44 15.02
C GLU D 154 29.82 24.25 14.62
N PRO D 155 29.93 25.59 14.50
CA PRO D 155 28.78 26.42 14.10
C PRO D 155 28.16 26.06 12.74
N GLU D 156 28.98 25.65 11.79
CA GLU D 156 28.47 25.25 10.47
C GLU D 156 27.63 23.99 10.63
N TYR D 157 27.97 23.19 11.64
CA TYR D 157 27.23 21.97 11.95
C TYR D 157 25.90 22.39 12.64
N VAL D 158 26.01 23.20 13.70
CA VAL D 158 24.86 23.69 14.48
C VAL D 158 23.82 24.51 13.71
N LEU D 159 24.25 25.18 12.66
CA LEU D 159 23.32 25.97 11.86
C LEU D 159 22.50 25.04 10.96
N LEU D 160 23.14 24.01 10.42
CA LEU D 160 22.46 23.07 9.54
C LEU D 160 21.35 22.40 10.34
N ALA D 161 21.61 22.13 11.60
CA ALA D 161 20.63 21.54 12.49
C ALA D 161 19.51 22.55 12.74
N ALA D 162 19.87 23.84 12.79
CA ALA D 162 18.88 24.90 12.98
C ALA D 162 17.87 24.89 11.83
N MET D 163 18.34 24.50 10.65
CA MET D 163 17.52 24.40 9.44
C MET D 163 16.78 23.08 9.32
N ALA D 164 17.00 22.20 10.29
CA ALA D 164 16.32 20.92 10.32
C ALA D 164 15.11 21.20 11.19
N LEU D 165 15.36 21.89 12.30
CA LEU D 165 14.30 22.25 13.22
C LEU D 165 13.30 23.11 12.50
N PHE D 166 13.71 24.36 12.28
CA PHE D 166 12.91 25.38 11.62
C PHE D 166 12.61 25.12 10.16
N SER D 167 11.48 24.46 9.92
CA SER D 167 11.03 24.14 8.56
C SER D 167 9.52 24.35 8.62
N PRO D 168 9.00 25.36 7.90
CA PRO D 168 7.58 25.69 7.86
C PRO D 168 6.66 24.65 7.18
N ASP D 169 7.26 23.67 6.50
CA ASP D 169 6.47 22.64 5.81
C ASP D 169 6.13 21.39 6.64
N ARG D 170 6.83 21.17 7.74
CA ARG D 170 6.57 20.02 8.62
C ARG D 170 5.07 19.86 8.77
N PRO D 171 4.50 18.70 8.39
CA PRO D 171 3.06 18.57 8.55
C PRO D 171 2.62 18.84 9.99
N GLY D 172 1.88 19.94 10.19
CA GLY D 172 1.41 20.28 11.53
C GLY D 172 1.57 21.71 12.03
N VAL D 173 2.53 22.48 11.51
CA VAL D 173 2.73 23.85 11.97
C VAL D 173 1.50 24.74 11.81
N THR D 174 1.40 25.75 12.68
CA THR D 174 0.29 26.70 12.66
C THR D 174 0.76 28.09 12.20
N GLN D 175 1.68 28.71 12.94
CA GLN D 175 2.18 30.03 12.58
C GLN D 175 3.24 29.84 11.50
N ARG D 176 2.84 29.22 10.41
CA ARG D 176 3.70 28.89 9.29
C ARG D 176 4.60 29.98 8.73
N ASP D 177 4.09 31.20 8.63
CA ASP D 177 4.89 32.29 8.08
C ASP D 177 5.98 32.74 9.04
N GLU D 178 5.64 32.88 10.33
CA GLU D 178 6.62 33.28 11.34
C GLU D 178 7.79 32.30 11.30
N ILE D 179 7.46 31.03 11.03
CA ILE D 179 8.42 29.95 10.94
C ILE D 179 9.22 30.05 9.64
N ASP D 180 8.56 30.42 8.55
CA ASP D 180 9.22 30.57 7.25
C ASP D 180 10.24 31.71 7.29
N GLN D 181 10.00 32.68 8.16
CA GLN D 181 10.89 33.83 8.32
C GLN D 181 12.12 33.37 9.10
N LEU D 182 11.87 32.68 10.22
CA LEU D 182 12.93 32.13 11.08
C LEU D 182 13.77 31.12 10.31
N GLN D 183 13.18 30.53 9.28
CA GLN D 183 13.82 29.55 8.42
C GLN D 183 14.91 30.16 7.55
N GLU D 184 14.51 31.03 6.63
CA GLU D 184 15.48 31.67 5.74
C GLU D 184 16.51 32.48 6.54
N GLU D 185 16.12 32.94 7.72
CA GLU D 185 17.06 33.69 8.56
C GLU D 185 18.29 32.81 8.69
N MET D 186 18.07 31.62 9.21
CA MET D 186 19.14 30.65 9.40
C MET D 186 19.86 30.45 8.07
N ALA D 187 19.09 30.20 7.01
CA ALA D 187 19.67 29.99 5.68
C ALA D 187 20.78 30.99 5.41
N LEU D 188 20.55 32.25 5.76
CA LEU D 188 21.54 33.30 5.58
C LEU D 188 22.71 33.18 6.54
N THR D 189 22.42 33.24 7.85
CA THR D 189 23.46 33.15 8.87
C THR D 189 24.46 32.05 8.53
N LEU D 190 23.95 30.95 7.97
CA LEU D 190 24.78 29.83 7.58
C LEU D 190 25.66 30.22 6.38
N GLN D 191 25.04 30.66 5.29
CA GLN D 191 25.79 31.06 4.09
C GLN D 191 26.86 32.09 4.42
N SER D 192 26.56 33.02 5.34
CA SER D 192 27.52 34.04 5.74
C SER D 192 28.78 33.32 6.13
N TYR D 193 28.62 32.44 7.11
CA TYR D 193 29.71 31.65 7.63
C TYR D 193 30.47 30.88 6.55
N ILE D 194 29.77 30.32 5.56
CA ILE D 194 30.45 29.58 4.50
C ILE D 194 31.45 30.46 3.76
N LYS D 195 31.02 31.68 3.40
CA LYS D 195 31.85 32.65 2.69
C LYS D 195 33.07 33.13 3.50
N GLY D 196 33.01 32.98 4.82
CA GLY D 196 34.11 33.39 5.65
C GLY D 196 34.80 32.20 6.31
N GLN D 197 35.19 31.22 5.52
CA GLN D 197 35.86 30.03 6.04
C GLN D 197 37.32 30.35 6.30
N GLN D 198 37.78 30.06 7.52
CA GLN D 198 39.16 30.32 7.91
C GLN D 198 40.12 29.74 6.86
N ARG D 199 40.01 28.43 6.67
CA ARG D 199 40.82 27.71 5.72
C ARG D 199 39.96 27.23 4.56
N ARG D 200 40.54 27.19 3.35
CA ARG D 200 39.77 26.75 2.20
C ARG D 200 40.03 25.30 1.76
N PRO D 201 40.03 24.34 2.70
CA PRO D 201 40.25 22.97 2.23
C PRO D 201 38.93 22.22 2.01
N ARG D 202 37.99 22.89 1.33
CA ARG D 202 36.69 22.29 1.03
C ARG D 202 35.99 23.06 -0.10
N ASP D 203 34.96 22.45 -0.66
CA ASP D 203 34.22 23.02 -1.78
C ASP D 203 33.54 24.37 -1.64
N ARG D 204 33.21 24.90 -2.82
CA ARG D 204 32.55 26.18 -3.00
C ARG D 204 31.04 26.10 -2.75
N PHE D 205 30.40 25.18 -3.47
CA PHE D 205 28.95 24.97 -3.35
C PHE D 205 28.66 24.10 -2.14
N LEU D 206 29.36 24.39 -1.05
CA LEU D 206 29.19 23.67 0.20
C LEU D 206 27.73 23.79 0.60
N TYR D 207 27.22 25.01 0.50
CA TYR D 207 25.83 25.27 0.85
C TYR D 207 24.90 24.42 -0.02
N ALA D 208 25.14 24.37 -1.33
CA ALA D 208 24.31 23.58 -2.25
C ALA D 208 24.17 22.13 -1.77
N LYS D 209 25.26 21.60 -1.24
CA LYS D 209 25.32 20.24 -0.74
C LYS D 209 24.62 20.08 0.62
N LEU D 210 24.73 21.10 1.48
CA LEU D 210 24.08 21.05 2.79
C LEU D 210 22.58 20.98 2.65
N LEU D 211 22.05 21.58 1.58
CA LEU D 211 20.62 21.55 1.29
C LEU D 211 20.33 20.20 0.63
N GLY D 212 21.28 19.73 -0.19
CA GLY D 212 21.13 18.44 -0.84
C GLY D 212 21.12 17.33 0.20
N LEU D 213 21.67 17.62 1.39
CA LEU D 213 21.74 16.70 2.52
C LEU D 213 20.57 16.85 3.48
N LEU D 214 20.09 18.09 3.68
CA LEU D 214 18.92 18.32 4.53
C LEU D 214 17.74 17.59 3.89
N ALA D 215 17.83 17.42 2.56
CA ALA D 215 16.85 16.71 1.77
C ALA D 215 17.00 15.23 2.15
N GLU D 216 18.24 14.82 2.39
CA GLU D 216 18.58 13.45 2.80
C GLU D 216 18.02 13.07 4.18
N LEU D 217 18.27 13.90 5.19
CA LEU D 217 17.74 13.63 6.52
C LEU D 217 16.21 13.46 6.58
N ARG D 218 15.51 13.77 5.48
CA ARG D 218 14.06 13.62 5.42
C ARG D 218 13.83 12.26 4.85
N SER D 219 14.58 11.95 3.80
CA SER D 219 14.52 10.65 3.16
C SER D 219 14.95 9.62 4.24
N ILE D 220 15.78 10.07 5.18
CA ILE D 220 16.30 9.23 6.27
C ILE D 220 15.38 9.20 7.49
N ASN D 221 14.85 10.35 7.88
CA ASN D 221 13.93 10.41 9.01
C ASN D 221 12.72 9.54 8.68
N GLU D 222 12.41 9.48 7.39
CA GLU D 222 11.30 8.69 6.84
C GLU D 222 11.52 7.21 7.09
N ALA D 223 12.55 6.66 6.45
CA ALA D 223 12.90 5.25 6.58
C ALA D 223 13.11 4.85 8.04
N TYR D 224 13.82 5.68 8.80
CA TYR D 224 14.09 5.41 10.22
C TYR D 224 12.79 5.06 10.96
N GLY D 225 11.80 5.94 10.85
CA GLY D 225 10.53 5.68 11.50
C GLY D 225 10.03 4.29 11.18
N TYR D 226 10.09 3.90 9.91
CA TYR D 226 9.63 2.57 9.54
C TYR D 226 10.43 1.46 10.22
N GLN D 227 11.75 1.52 10.11
CA GLN D 227 12.60 0.50 10.72
C GLN D 227 12.28 0.23 12.19
N ILE D 228 12.01 1.25 13.00
CA ILE D 228 11.71 1.00 14.41
C ILE D 228 10.47 0.11 14.58
N GLN D 229 9.60 0.13 13.57
CA GLN D 229 8.38 -0.68 13.56
C GLN D 229 8.75 -2.08 13.10
N HIS D 230 9.56 -2.16 12.05
CA HIS D 230 10.03 -3.43 11.51
C HIS D 230 10.64 -4.30 12.63
N ILE D 231 11.40 -3.67 13.53
CA ILE D 231 12.06 -4.38 14.64
C ILE D 231 11.18 -4.60 15.86
N GLN D 232 10.84 -5.87 16.10
CA GLN D 232 10.00 -6.28 17.22
C GLN D 232 10.48 -5.78 18.57
N GLY D 233 9.56 -5.29 19.37
CA GLY D 233 9.90 -4.82 20.70
C GLY D 233 10.70 -3.54 20.85
N LEU D 234 11.40 -3.11 19.80
CA LEU D 234 12.20 -1.89 19.89
C LEU D 234 11.31 -0.66 20.02
N SER D 235 10.27 -0.62 19.20
CA SER D 235 9.31 0.47 19.19
C SER D 235 8.76 0.74 20.61
N ALA D 236 8.57 -0.33 21.38
CA ALA D 236 8.04 -0.25 22.75
C ALA D 236 9.05 0.20 23.82
N MET D 237 10.33 -0.03 23.58
CA MET D 237 11.37 0.37 24.55
C MET D 237 11.57 1.89 24.63
N MET D 238 11.20 2.56 23.55
CA MET D 238 11.30 4.00 23.47
C MET D 238 9.99 4.57 23.00
N PRO D 239 9.07 4.80 23.93
CA PRO D 239 7.73 5.34 23.70
C PRO D 239 7.78 6.77 23.16
N LEU D 240 8.81 7.51 23.55
CA LEU D 240 9.02 8.89 23.13
C LEU D 240 9.34 8.97 21.65
N LEU D 241 10.33 8.19 21.21
CA LEU D 241 10.72 8.15 19.80
C LEU D 241 9.53 7.71 18.97
N GLN D 242 8.73 6.84 19.55
CA GLN D 242 7.52 6.34 18.93
C GLN D 242 6.55 7.49 18.68
N GLU D 243 6.65 8.54 19.48
CA GLU D 243 5.80 9.72 19.32
C GLU D 243 6.38 10.70 18.31
N ILE D 244 7.71 10.68 18.18
CA ILE D 244 8.39 11.56 17.22
C ILE D 244 8.10 11.00 15.84
N CYS D 245 8.24 9.69 15.69
CA CYS D 245 7.95 9.05 14.43
C CYS D 245 6.50 8.54 14.49
N SER D 246 5.57 9.44 14.81
CA SER D 246 4.15 9.10 14.92
C SER D 246 3.34 9.82 13.84
N HIS E 3 -0.57 -16.14 20.42
CA HIS E 3 -1.42 -14.92 20.35
C HIS E 3 -1.94 -14.57 21.73
N LYS E 4 -1.20 -13.77 22.48
CA LYS E 4 -1.59 -13.36 23.83
C LYS E 4 -3.07 -13.02 24.02
N ILE E 5 -3.45 -11.81 23.62
CA ILE E 5 -4.81 -11.28 23.76
C ILE E 5 -6.03 -12.18 23.52
N LEU E 6 -6.04 -12.96 22.44
CA LEU E 6 -7.20 -13.81 22.16
C LEU E 6 -7.38 -14.98 23.13
N HIS E 7 -6.28 -15.65 23.46
CA HIS E 7 -6.31 -16.81 24.37
C HIS E 7 -6.99 -16.51 25.71
N ARG E 8 -6.83 -15.29 26.22
CA ARG E 8 -7.42 -14.88 27.48
C ARG E 8 -8.95 -14.77 27.43
N LEU E 9 -9.47 -14.09 26.40
CA LEU E 9 -10.92 -13.93 26.25
C LEU E 9 -11.63 -15.27 26.14
N LEU E 10 -11.08 -16.16 25.31
CA LEU E 10 -11.67 -17.49 25.09
C LEU E 10 -11.63 -18.40 26.31
N GLN E 11 -10.92 -17.98 27.34
CA GLN E 11 -10.84 -18.76 28.58
C GLN E 11 -11.79 -18.19 29.63
N GLU E 12 -11.38 -17.12 30.28
CA GLU E 12 -12.18 -16.48 31.32
C GLU E 12 -13.64 -16.31 30.91
N ARG F 2 -2.57 -0.02 -21.14
CA ARG F 2 -3.69 -0.51 -20.28
C ARG F 2 -4.56 -1.55 -21.01
N HIS F 3 -4.57 -2.77 -20.47
CA HIS F 3 -5.35 -3.91 -21.01
C HIS F 3 -5.28 -4.08 -22.51
N LYS F 4 -4.12 -3.82 -23.08
CA LYS F 4 -3.92 -3.92 -24.52
C LYS F 4 -4.43 -5.22 -25.15
N ILE F 5 -3.84 -6.35 -24.78
CA ILE F 5 -4.22 -7.64 -25.34
C ILE F 5 -5.64 -8.10 -25.02
N LEU F 6 -6.15 -7.67 -23.88
CA LEU F 6 -7.51 -8.04 -23.51
C LEU F 6 -8.46 -7.33 -24.46
N HIS F 7 -8.29 -6.03 -24.59
CA HIS F 7 -9.13 -5.27 -25.51
C HIS F 7 -9.06 -6.02 -26.84
N ARG F 8 -7.83 -6.27 -27.29
CA ARG F 8 -7.53 -6.97 -28.52
C ARG F 8 -8.45 -8.18 -28.76
N LEU F 9 -8.54 -9.06 -27.77
CA LEU F 9 -9.34 -10.29 -27.87
C LEU F 9 -10.87 -10.18 -27.93
N LEU F 10 -11.44 -9.14 -27.32
CA LEU F 10 -12.89 -8.97 -27.29
C LEU F 10 -13.58 -8.51 -28.57
N GLN F 11 -12.98 -7.52 -29.24
CA GLN F 11 -13.52 -6.93 -30.47
C GLN F 11 -14.50 -7.75 -31.28
N GLU F 12 -14.16 -9.00 -31.58
CA GLU F 12 -15.06 -9.86 -32.34
C GLU F 12 -14.67 -11.33 -32.43
N GLY F 13 -15.55 -12.11 -33.05
CA GLY F 13 -15.35 -13.54 -33.23
C GLY F 13 -13.92 -13.94 -33.53
N GLU G 1 15.04 -6.78 -18.87
CA GLU G 1 14.45 -7.80 -17.97
C GLU G 1 13.57 -7.19 -16.86
N ARG G 2 14.06 -6.15 -16.19
CA ARG G 2 13.28 -5.50 -15.13
C ARG G 2 12.64 -4.22 -15.65
N HIS G 3 13.47 -3.28 -16.11
CA HIS G 3 12.95 -2.03 -16.64
C HIS G 3 12.96 -2.08 -18.17
N LYS G 4 12.41 -3.14 -18.74
CA LYS G 4 12.36 -3.35 -20.20
C LYS G 4 11.92 -2.13 -21.02
N ILE G 5 11.08 -1.29 -20.44
CA ILE G 5 10.62 -0.10 -21.15
C ILE G 5 11.62 1.04 -21.01
N LEU G 6 12.02 1.35 -19.77
CA LEU G 6 12.97 2.42 -19.53
C LEU G 6 14.27 2.23 -20.32
N HIS G 7 14.72 0.98 -20.44
CA HIS G 7 15.94 0.64 -21.18
C HIS G 7 15.80 0.87 -22.67
N ARG G 8 14.76 0.29 -23.28
CA ARG G 8 14.52 0.48 -24.71
C ARG G 8 14.42 1.95 -25.10
N LEU G 9 13.93 2.75 -24.15
CA LEU G 9 13.76 4.19 -24.33
C LEU G 9 15.06 4.97 -24.34
N LEU G 10 15.81 4.93 -23.25
CA LEU G 10 17.07 5.63 -23.15
C LEU G 10 18.11 5.20 -24.19
N GLN G 11 17.80 4.20 -25.00
CA GLN G 11 18.74 3.69 -25.99
C GLN G 11 18.55 4.20 -27.43
N GLU G 12 17.32 4.42 -27.85
CA GLU G 12 17.05 4.89 -29.21
C GLU G 12 17.05 6.41 -29.37
N GLU H 1 -3.64 11.26 17.50
CA GLU H 1 -2.34 11.74 18.06
C GLU H 1 -2.52 12.50 19.38
N ARG H 2 -2.41 11.82 20.51
CA ARG H 2 -2.57 12.48 21.80
C ARG H 2 -1.25 13.04 22.30
N HIS H 3 -0.14 12.39 21.97
CA HIS H 3 1.19 12.86 22.36
C HIS H 3 1.28 13.43 23.77
N LYS H 4 0.75 12.70 24.76
CA LYS H 4 0.78 13.18 26.15
C LYS H 4 2.17 13.45 26.72
N ILE H 5 3.16 12.69 26.27
CA ILE H 5 4.54 12.82 26.74
C ILE H 5 5.28 14.11 26.32
N LEU H 6 5.16 14.52 25.07
CA LEU H 6 5.84 15.72 24.60
C LEU H 6 5.43 16.94 25.41
N HIS H 7 4.14 17.17 25.52
CA HIS H 7 3.62 18.30 26.28
C HIS H 7 4.34 18.44 27.61
N ARG H 8 4.49 17.34 28.33
CA ARG H 8 5.16 17.37 29.62
C ARG H 8 6.42 18.25 29.62
N LEU H 9 7.41 17.87 28.82
CA LEU H 9 8.68 18.60 28.74
C LEU H 9 8.56 20.02 28.20
N LEU H 10 7.65 20.23 27.24
CA LEU H 10 7.47 21.54 26.66
C LEU H 10 6.64 22.45 27.54
N GLN H 11 7.12 22.72 28.75
CA GLN H 11 6.35 23.59 29.65
C GLN H 11 7.19 24.53 30.53
N GLU H 12 7.93 23.98 31.47
CA GLU H 12 8.74 24.80 32.38
C GLU H 12 10.07 25.19 31.77
#